data_4OK5
#
_entry.id   4OK5
#
_cell.length_a   81.797
_cell.length_b   103.893
_cell.length_c   118.474
_cell.angle_alpha   90.000
_cell.angle_beta   90.000
_cell.angle_gamma   90.000
#
_symmetry.space_group_name_H-M   'P 21 21 21'
#
loop_
_entity.id
_entity.type
_entity.pdbx_description
1 polymer 'Serine protease NS3'
2 non-polymer 'CALCIUM ION'
3 non-polymer '[1-(3-ethynylbenzyl)-1H-indol-3-yl]acetic acid'
4 water water
#
_entity_poly.entity_id   1
_entity_poly.type   'polypeptide(L)'
_entity_poly.pdbx_seq_one_letter_code
;MGSSHHHHHHSSGRSPVFTDNSSPPAVPQSFQVAHLHAPTGSGKSTKVPAAYAAQGYKVLVLNPSVAATLGFGAYMSKAH
GVDPNIRTGVRTITTGSPITYSTYGKFLADGGCSGGAYDIIICDECHSTDATSILGIGTVLDQAETAGARLVVLATATPP
GSVTVSHPNIEEVALSTTGEIPFYGKAIPLEVIKGGRHLIFCHSKKKCDELAAKLVALGINAVAYYRGLDVSVIPTNGDV
VVVSTDALMTGFTGDFDSVIDCNTCVTQTVDFSLDPTFTIETTTLPQDAVSRTQRRGRTGRGKPGIYRFVAPGERPSGMF
DSSVLCECYDAGCAWYELMPAETTVRLRAYMNTPGLPVCQDHLEFWEGVFTGLTHIDAHFLSQTKQSGENFPYLVAYQAT
VCARAQAPPPSWDQMWKCLIRLKPTLHGPTPLLYRLGAVQNEVTLTHPITKYIMTCMSADLEVV
;
_entity_poly.pdbx_strand_id   A,B
#
# COMPACT_ATOMS: atom_id res chain seq x y z
N PHE A 18 18.06 2.99 18.93
CA PHE A 18 16.96 2.14 18.47
C PHE A 18 17.34 0.65 18.63
N THR A 19 16.64 -0.02 19.55
CA THR A 19 16.95 -1.40 19.91
C THR A 19 15.70 -2.30 19.84
N ASP A 20 15.88 -3.56 19.41
CA ASP A 20 14.79 -4.50 19.17
C ASP A 20 14.63 -5.52 20.31
N ASN A 21 13.43 -5.60 20.89
CA ASN A 21 13.20 -6.36 22.12
C ASN A 21 11.94 -7.22 22.09
N SER A 22 12.02 -8.43 22.64
CA SER A 22 10.84 -9.28 22.80
C SER A 22 10.34 -9.20 24.24
N SER A 23 11.17 -8.60 25.10
CA SER A 23 10.84 -8.44 26.51
C SER A 23 11.09 -6.97 26.90
N PRO A 24 10.52 -6.48 28.02
CA PRO A 24 10.65 -5.08 28.42
C PRO A 24 12.08 -4.61 28.62
N PRO A 25 12.56 -3.69 27.78
CA PRO A 25 13.95 -3.24 27.88
C PRO A 25 14.21 -2.54 29.20
N ALA A 26 15.38 -2.81 29.78
CA ALA A 26 15.79 -2.19 31.02
C ALA A 26 15.93 -0.69 30.80
N VAL A 27 15.66 0.08 31.85
CA VAL A 27 15.84 1.53 31.74
C VAL A 27 17.33 1.83 31.66
N PRO A 28 17.76 2.40 30.52
CA PRO A 28 19.18 2.73 30.39
C PRO A 28 19.54 3.92 31.26
N GLN A 29 20.81 4.27 31.31
CA GLN A 29 21.24 5.41 32.09
C GLN A 29 21.05 6.73 31.32
N SER A 30 21.14 6.67 30.00
CA SER A 30 20.86 7.83 29.14
C SER A 30 19.82 7.49 28.07
N PHE A 31 19.21 8.54 27.49
CA PHE A 31 18.05 8.40 26.62
C PHE A 31 18.21 7.32 25.56
N GLN A 32 17.12 6.63 25.27
CA GLN A 32 17.15 5.56 24.28
C GLN A 32 15.74 5.29 23.74
N VAL A 33 15.61 5.05 22.44
CA VAL A 33 14.33 4.60 21.89
C VAL A 33 14.37 3.09 21.68
N ALA A 34 13.49 2.38 22.36
CA ALA A 34 13.45 0.92 22.24
C ALA A 34 12.16 0.41 21.57
N HIS A 35 12.29 -0.64 20.75
CA HIS A 35 11.16 -1.33 20.15
C HIS A 35 10.80 -2.57 20.95
N LEU A 36 9.51 -2.68 21.27
CA LEU A 36 9.00 -3.85 21.97
C LEU A 36 8.01 -4.57 21.08
N HIS A 37 8.41 -5.73 20.57
CA HIS A 37 7.53 -6.56 19.78
C HIS A 37 7.14 -7.77 20.63
N ALA A 38 5.88 -7.80 21.04
CA ALA A 38 5.41 -8.80 21.99
C ALA A 38 3.94 -9.06 21.78
N PRO A 39 3.48 -10.28 22.09
CA PRO A 39 2.04 -10.57 22.05
C PRO A 39 1.28 -9.59 22.93
N THR A 40 0.14 -9.09 22.46
CA THR A 40 -0.51 -7.98 23.15
C THR A 40 -1.39 -8.49 24.31
N GLY A 41 -1.42 -9.82 24.49
CA GLY A 41 -1.99 -10.43 25.69
C GLY A 41 -1.01 -10.38 26.85
N SER A 42 0.28 -10.31 26.51
CA SER A 42 1.38 -10.22 27.48
C SER A 42 1.41 -8.90 28.25
N GLY A 43 0.28 -8.19 28.25
CA GLY A 43 0.16 -6.97 29.03
C GLY A 43 1.19 -5.91 28.69
N LYS A 44 1.30 -5.59 27.41
CA LYS A 44 2.10 -4.44 26.97
C LYS A 44 1.66 -3.22 27.73
N SER A 45 0.36 -3.14 27.99
CA SER A 45 -0.22 -1.94 28.52
C SER A 45 -0.43 -2.04 30.02
N THR A 46 -0.22 -3.24 30.55
CA THR A 46 -0.43 -3.46 31.99
C THR A 46 0.82 -3.98 32.68
N LYS A 47 1.24 -5.21 32.35
CA LYS A 47 2.38 -5.83 33.03
C LYS A 47 3.64 -5.01 32.87
N VAL A 48 3.85 -4.50 31.66
CA VAL A 48 5.05 -3.71 31.39
C VAL A 48 5.10 -2.39 32.19
N PRO A 49 4.06 -1.54 32.11
CA PRO A 49 4.20 -0.34 32.95
C PRO A 49 4.19 -0.63 34.48
N ALA A 50 3.51 -1.68 34.91
CA ALA A 50 3.52 -2.06 36.32
C ALA A 50 4.94 -2.43 36.78
N ALA A 51 5.65 -3.21 35.97
CA ALA A 51 7.04 -3.58 36.27
C ALA A 51 7.94 -2.36 36.36
N TYR A 52 7.71 -1.38 35.49
CA TYR A 52 8.48 -0.12 35.57
C TYR A 52 8.11 0.70 36.79
N ALA A 53 6.82 0.78 37.09
CA ALA A 53 6.38 1.49 38.28
C ALA A 53 7.02 0.85 39.51
N ALA A 54 6.96 -0.47 39.56
CA ALA A 54 7.51 -1.22 40.67
C ALA A 54 8.98 -0.86 40.92
N GLN A 55 9.68 -0.43 39.87
CA GLN A 55 11.09 -0.08 39.99
C GLN A 55 11.27 1.38 40.36
N GLY A 56 10.19 2.11 40.56
CA GLY A 56 10.29 3.51 40.99
C GLY A 56 10.21 4.58 39.91
N TYR A 57 9.87 4.18 38.68
CA TYR A 57 9.78 5.14 37.58
C TYR A 57 8.35 5.65 37.42
N LYS A 58 8.19 6.85 36.89
CA LYS A 58 6.87 7.31 36.47
C LYS A 58 6.71 7.00 34.98
N VAL A 59 5.64 6.31 34.64
CA VAL A 59 5.49 5.84 33.27
C VAL A 59 4.21 6.36 32.63
N LEU A 60 4.34 6.88 31.41
CA LEU A 60 3.19 7.28 30.60
C LEU A 60 2.90 6.19 29.57
N VAL A 61 1.63 5.81 29.43
CA VAL A 61 1.20 4.78 28.48
C VAL A 61 0.20 5.35 27.48
N LEU A 62 0.58 5.36 26.21
CA LEU A 62 -0.26 6.01 25.21
C LEU A 62 -0.95 5.01 24.30
N ASN A 63 -2.26 5.19 24.11
N ASN A 63 -2.24 5.23 24.07
CA ASN A 63 -3.06 4.33 23.23
CA ASN A 63 -3.04 4.39 23.20
C ASN A 63 -3.93 5.16 22.27
C ASN A 63 -3.89 5.21 22.23
N PRO A 64 -4.21 4.65 21.05
CA PRO A 64 -5.06 5.41 20.13
C PRO A 64 -6.51 5.49 20.65
N SER A 65 -6.95 4.45 21.34
CA SER A 65 -8.37 4.33 21.68
C SER A 65 -8.76 4.91 23.04
N VAL A 66 -9.85 5.68 23.05
CA VAL A 66 -10.41 6.18 24.30
C VAL A 66 -10.86 5.02 25.19
N ALA A 67 -11.61 4.09 24.62
CA ALA A 67 -12.11 2.92 25.36
C ALA A 67 -10.97 2.09 25.94
N ALA A 68 -9.92 1.89 25.15
CA ALA A 68 -8.77 1.13 25.63
C ALA A 68 -8.12 1.84 26.81
N THR A 69 -7.91 3.15 26.67
CA THR A 69 -7.25 3.91 27.73
C THR A 69 -8.06 3.78 29.03
N LEU A 70 -9.37 4.03 28.95
CA LEU A 70 -10.24 3.91 30.11
C LEU A 70 -10.23 2.49 30.67
N GLY A 71 -10.14 1.50 29.79
CA GLY A 71 -10.18 0.11 30.19
C GLY A 71 -8.93 -0.40 30.89
N PHE A 72 -7.79 0.23 30.63
CA PHE A 72 -6.57 -0.19 31.32
C PHE A 72 -6.60 0.36 32.72
N GLY A 73 -7.14 1.56 32.87
CA GLY A 73 -7.32 2.13 34.19
C GLY A 73 -8.18 1.23 35.06
N ALA A 74 -9.27 0.74 34.49
CA ALA A 74 -10.22 -0.05 35.26
C ALA A 74 -9.64 -1.41 35.57
N TYR A 75 -8.88 -1.98 34.65
CA TYR A 75 -8.27 -3.28 34.90
C TYR A 75 -7.22 -3.17 36.02
N MET A 76 -6.41 -2.12 36.02
CA MET A 76 -5.41 -1.99 37.07
C MET A 76 -6.06 -1.78 38.45
N SER A 77 -7.18 -1.06 38.51
CA SER A 77 -7.89 -0.86 39.77
C SER A 77 -8.43 -2.16 40.34
N LYS A 78 -9.14 -2.90 39.50
CA LYS A 78 -9.79 -4.13 39.93
C LYS A 78 -8.79 -5.24 40.17
N ALA A 79 -7.88 -5.45 39.23
CA ALA A 79 -6.98 -6.61 39.31
C ALA A 79 -5.79 -6.39 40.24
N HIS A 80 -5.45 -5.14 40.55
CA HIS A 80 -4.24 -4.90 41.33
C HIS A 80 -4.38 -3.81 42.38
N GLY A 81 -5.56 -3.17 42.42
CA GLY A 81 -5.76 -2.09 43.35
C GLY A 81 -4.74 -0.99 43.13
N VAL A 82 -4.44 -0.74 41.86
CA VAL A 82 -3.69 0.46 41.50
C VAL A 82 -4.63 1.38 40.74
N ASP A 83 -4.74 2.62 41.21
CA ASP A 83 -5.57 3.63 40.55
C ASP A 83 -4.74 4.59 39.70
N PRO A 84 -4.54 4.27 38.40
CA PRO A 84 -3.67 5.11 37.58
C PRO A 84 -4.29 6.47 37.31
N ASN A 85 -3.48 7.43 36.86
CA ASN A 85 -4.01 8.61 36.23
C ASN A 85 -4.62 8.23 34.89
N ILE A 86 -5.76 8.83 34.56
CA ILE A 86 -6.44 8.54 33.30
C ILE A 86 -6.68 9.84 32.55
N ARG A 87 -6.15 9.94 31.33
CA ARG A 87 -6.32 11.17 30.56
C ARG A 87 -6.90 10.87 29.18
N THR A 88 -8.13 11.32 28.95
CA THR A 88 -8.78 11.26 27.63
C THR A 88 -9.46 12.59 27.34
N GLY A 89 -9.88 12.79 26.08
CA GLY A 89 -10.63 13.96 25.69
C GLY A 89 -11.83 14.24 26.59
N VAL A 90 -12.66 13.23 26.79
CA VAL A 90 -13.89 13.39 27.55
C VAL A 90 -13.64 13.43 29.04
N ARG A 91 -12.62 12.69 29.50
CA ARG A 91 -12.52 12.33 30.92
C ARG A 91 -11.08 12.35 31.46
N THR A 92 -10.85 13.13 32.52
CA THR A 92 -9.54 13.18 33.17
C THR A 92 -9.60 12.88 34.67
N ILE A 93 -8.85 11.85 35.08
CA ILE A 93 -8.67 11.52 36.49
C ILE A 93 -7.20 11.59 36.90
N THR A 94 -6.94 12.25 38.03
CA THR A 94 -5.58 12.40 38.55
C THR A 94 -5.45 11.81 39.98
N THR A 95 -4.74 10.69 40.13
CA THR A 95 -4.53 10.09 41.45
C THR A 95 -3.12 10.34 41.97
N GLY A 96 -2.20 10.69 41.07
CA GLY A 96 -0.83 10.90 41.47
C GLY A 96 -0.03 9.61 41.41
N SER A 97 -0.67 8.54 40.93
CA SER A 97 -0.01 7.28 40.65
C SER A 97 1.22 7.48 39.77
N PRO A 98 2.24 6.61 39.89
CA PRO A 98 3.35 6.76 38.96
C PRO A 98 2.97 6.25 37.56
N ILE A 99 1.82 5.57 37.43
CA ILE A 99 1.33 5.13 36.12
C ILE A 99 0.26 6.09 35.58
N THR A 100 0.48 6.62 34.38
CA THR A 100 -0.54 7.43 33.68
C THR A 100 -0.96 6.77 32.36
N TYR A 101 -2.27 6.58 32.17
CA TYR A 101 -2.78 6.15 30.86
C TYR A 101 -3.40 7.33 30.13
N SER A 102 -3.03 7.50 28.86
CA SER A 102 -3.58 8.60 28.06
C SER A 102 -3.80 8.18 26.62
N THR A 103 -4.77 8.81 25.96
CA THR A 103 -4.83 8.66 24.51
C THR A 103 -3.78 9.55 23.88
N TYR A 104 -3.36 9.20 22.66
CA TYR A 104 -2.41 10.04 21.93
C TYR A 104 -3.04 11.41 21.73
N GLY A 105 -4.34 11.43 21.42
CA GLY A 105 -5.05 12.68 21.22
C GLY A 105 -5.03 13.56 22.45
N LYS A 106 -5.31 12.99 23.62
CA LYS A 106 -5.29 13.80 24.83
C LYS A 106 -3.85 14.25 25.15
N PHE A 107 -2.89 13.36 24.96
CA PHE A 107 -1.46 13.70 25.09
C PHE A 107 -1.14 14.94 24.27
N LEU A 108 -1.59 14.98 23.02
CA LEU A 108 -1.36 16.14 22.17
C LEU A 108 -2.05 17.41 22.68
N ALA A 109 -3.29 17.25 23.17
CA ALA A 109 -4.03 18.40 23.70
C ALA A 109 -3.25 18.99 24.87
N ASP A 110 -2.58 18.13 25.64
CA ASP A 110 -1.82 18.57 26.82
C ASP A 110 -0.48 19.22 26.47
N GLY A 111 -0.21 19.46 25.19
CA GLY A 111 1.02 20.09 24.75
C GLY A 111 2.17 19.12 24.50
N GLY A 112 1.89 17.83 24.65
CA GLY A 112 2.91 16.82 24.46
C GLY A 112 3.70 16.56 25.72
N CYS A 113 5.02 16.42 25.59
CA CYS A 113 5.89 16.15 26.74
C CYS A 113 6.08 17.39 27.60
N SER A 114 5.44 17.44 28.76
CA SER A 114 5.74 18.55 29.65
C SER A 114 6.95 18.13 30.52
N GLY A 115 7.95 19.02 30.57
CA GLY A 115 9.21 18.74 31.24
C GLY A 115 9.15 18.05 32.59
N GLY A 116 9.97 17.02 32.75
CA GLY A 116 10.14 16.33 34.02
C GLY A 116 9.00 15.42 34.48
N ALA A 117 7.99 15.20 33.64
CA ALA A 117 6.79 14.52 34.10
C ALA A 117 6.96 13.00 34.14
N TYR A 118 7.68 12.47 33.16
CA TYR A 118 7.74 11.03 32.98
C TYR A 118 9.17 10.52 32.73
N ASP A 119 9.50 9.39 33.33
CA ASP A 119 10.78 8.73 33.10
C ASP A 119 10.70 7.87 31.84
N ILE A 120 9.55 7.21 31.67
CA ILE A 120 9.34 6.26 30.59
C ILE A 120 8.03 6.55 29.85
N ILE A 121 8.12 6.60 28.53
CA ILE A 121 6.93 6.74 27.71
C ILE A 121 6.74 5.52 26.82
N ILE A 122 5.65 4.81 27.03
CA ILE A 122 5.31 3.71 26.16
C ILE A 122 4.28 4.17 25.13
N CYS A 123 4.67 4.15 23.86
CA CYS A 123 3.74 4.38 22.77
C CYS A 123 3.18 3.04 22.42
N ASP A 124 2.05 2.72 23.03
CA ASP A 124 1.44 1.41 22.81
C ASP A 124 0.70 1.37 21.46
N GLU A 125 0.52 0.17 20.92
CA GLU A 125 -0.03 -0.03 19.57
C GLU A 125 0.65 0.87 18.54
N CYS A 126 1.98 0.88 18.53
CA CYS A 126 2.72 1.81 17.69
C CYS A 126 2.64 1.48 16.18
N HIS A 127 2.02 0.36 15.84
CA HIS A 127 1.68 0.04 14.45
C HIS A 127 0.50 0.89 13.93
N SER A 128 -0.24 1.50 14.86
CA SER A 128 -1.48 2.23 14.49
C SER A 128 -1.22 3.35 13.48
N THR A 129 -2.04 3.46 12.45
CA THR A 129 -1.84 4.56 11.52
C THR A 129 -2.98 5.58 11.48
N ASP A 130 -3.73 5.75 12.55
CA ASP A 130 -4.59 6.92 12.51
C ASP A 130 -3.78 8.16 12.93
N ALA A 131 -4.30 9.34 12.58
CA ALA A 131 -3.54 10.58 12.68
C ALA A 131 -3.04 10.86 14.10
N THR A 132 -3.88 10.57 15.07
CA THR A 132 -3.54 10.83 16.46
C THR A 132 -2.27 10.04 16.90
N SER A 133 -2.14 8.81 16.41
CA SER A 133 -0.98 7.97 16.71
C SER A 133 0.29 8.48 16.04
N ILE A 134 0.18 8.79 14.77
CA ILE A 134 1.34 9.28 14.04
C ILE A 134 1.83 10.63 14.57
N LEU A 135 0.91 11.59 14.79
CA LEU A 135 1.34 12.90 15.30
C LEU A 135 1.81 12.75 16.78
N GLY A 136 1.11 11.90 17.52
CA GLY A 136 1.43 11.65 18.92
C GLY A 136 2.77 10.97 19.11
N ILE A 137 3.03 9.93 18.32
CA ILE A 137 4.32 9.26 18.42
C ILE A 137 5.42 10.18 17.92
N GLY A 138 5.17 10.91 16.84
CA GLY A 138 6.14 11.87 16.32
C GLY A 138 6.51 12.92 17.36
N THR A 139 5.51 13.38 18.11
CA THR A 139 5.70 14.35 19.19
C THR A 139 6.53 13.74 20.33
N VAL A 140 6.25 12.48 20.69
CA VAL A 140 7.06 11.84 21.71
C VAL A 140 8.53 11.76 21.28
N LEU A 141 8.77 11.29 20.07
CA LEU A 141 10.13 11.09 19.57
C LEU A 141 10.87 12.42 19.42
N ASP A 142 10.12 13.49 19.22
CA ASP A 142 10.76 14.78 19.07
C ASP A 142 11.04 15.45 20.42
N GLN A 143 10.24 15.15 21.44
CA GLN A 143 10.25 15.94 22.67
C GLN A 143 10.75 15.21 23.90
N ALA A 144 10.70 13.89 23.89
CA ALA A 144 10.92 13.09 25.09
C ALA A 144 12.27 13.33 25.79
N GLU A 145 13.35 13.36 25.00
CA GLU A 145 14.68 13.45 25.59
C GLU A 145 14.86 14.81 26.27
N THR A 146 14.49 15.87 25.58
CA THR A 146 14.51 17.20 26.16
C THR A 146 13.63 17.29 27.39
N ALA A 147 12.52 16.55 27.40
CA ALA A 147 11.61 16.64 28.55
C ALA A 147 12.12 15.81 29.73
N GLY A 148 13.28 15.17 29.58
CA GLY A 148 13.86 14.42 30.68
C GLY A 148 13.47 12.95 30.75
N ALA A 149 12.88 12.41 29.70
CA ALA A 149 12.57 10.97 29.73
C ALA A 149 13.85 10.18 29.49
N ARG A 150 13.94 9.01 30.11
CA ARG A 150 15.09 8.13 29.95
C ARG A 150 14.86 7.14 28.83
N LEU A 151 13.59 6.76 28.64
CA LEU A 151 13.27 5.67 27.73
C LEU A 151 11.93 5.90 27.02
N VAL A 152 11.95 5.72 25.70
CA VAL A 152 10.73 5.61 24.91
C VAL A 152 10.59 4.19 24.37
N VAL A 153 9.44 3.57 24.61
CA VAL A 153 9.20 2.21 24.12
C VAL A 153 8.10 2.21 23.04
N LEU A 154 8.48 1.85 21.81
CA LEU A 154 7.53 1.71 20.72
C LEU A 154 6.99 0.28 20.70
N ALA A 155 5.78 0.11 21.23
CA ALA A 155 5.25 -1.23 21.50
C ALA A 155 4.11 -1.64 20.58
N THR A 156 4.29 -2.79 19.94
CA THR A 156 3.23 -3.38 19.12
C THR A 156 3.36 -4.89 19.08
N ALA A 157 2.25 -5.54 18.78
CA ALA A 157 2.24 -6.96 18.52
C ALA A 157 2.52 -7.21 17.04
N THR A 158 2.35 -6.17 16.21
CA THR A 158 2.42 -6.33 14.75
C THR A 158 3.29 -5.26 14.11
N PRO A 159 4.61 -5.43 14.17
CA PRO A 159 5.53 -4.47 13.53
C PRO A 159 5.43 -4.48 12.01
N PRO A 160 5.98 -3.46 11.31
CA PRO A 160 5.98 -3.40 9.85
C PRO A 160 6.40 -4.72 9.21
N GLY A 161 5.68 -5.15 8.20
CA GLY A 161 6.00 -6.39 7.54
C GLY A 161 5.27 -7.62 8.08
N SER A 162 4.62 -7.49 9.23
CA SER A 162 3.91 -8.61 9.86
C SER A 162 2.88 -9.29 8.97
N VAL A 163 2.85 -10.61 9.05
CA VAL A 163 1.78 -11.39 8.45
C VAL A 163 1.01 -12.15 9.53
N THR A 164 -0.23 -12.48 9.22
CA THR A 164 -1.02 -13.31 10.11
C THR A 164 -0.34 -14.65 10.32
N VAL A 165 -0.29 -15.10 11.57
CA VAL A 165 0.20 -16.42 11.91
C VAL A 165 -0.98 -17.31 12.31
N SER A 166 -0.82 -18.62 12.23
CA SER A 166 -1.92 -19.54 12.56
C SER A 166 -2.33 -19.40 14.02
N HIS A 167 -3.62 -19.56 14.27
CA HIS A 167 -4.15 -19.57 15.63
C HIS A 167 -4.39 -21.03 16.08
N PRO A 168 -3.76 -21.41 17.21
CA PRO A 168 -3.83 -22.77 17.73
C PRO A 168 -5.27 -23.23 17.91
N ASN A 169 -6.12 -22.31 18.34
CA ASN A 169 -7.50 -22.61 18.67
C ASN A 169 -8.45 -22.42 17.49
N ILE A 170 -7.93 -22.01 16.33
CA ILE A 170 -8.79 -21.69 15.19
C ILE A 170 -8.42 -22.49 13.93
N GLU A 171 -9.37 -23.28 13.45
CA GLU A 171 -9.20 -24.00 12.20
C GLU A 171 -9.62 -23.07 11.06
N GLU A 172 -8.78 -22.99 10.02
CA GLU A 172 -9.03 -22.08 8.91
C GLU A 172 -9.43 -22.83 7.67
N VAL A 173 -10.56 -22.46 7.08
CA VAL A 173 -11.04 -23.18 5.92
C VAL A 173 -11.45 -22.25 4.80
N ALA A 174 -10.78 -22.41 3.66
CA ALA A 174 -11.11 -21.65 2.46
C ALA A 174 -12.56 -21.84 2.09
N LEU A 175 -13.24 -20.75 1.79
CA LEU A 175 -14.56 -20.82 1.19
C LEU A 175 -14.43 -21.30 -0.24
N SER A 176 -15.31 -22.20 -0.67
CA SER A 176 -15.37 -22.56 -2.08
C SER A 176 -16.42 -21.71 -2.77
N THR A 177 -16.66 -21.97 -4.05
CA THR A 177 -17.69 -21.23 -4.79
C THR A 177 -19.02 -21.96 -4.73
N THR A 178 -19.01 -23.11 -4.06
CA THR A 178 -20.21 -23.94 -3.92
C THR A 178 -20.96 -23.54 -2.65
N GLY A 179 -22.16 -23.00 -2.81
CA GLY A 179 -22.96 -22.58 -1.67
C GLY A 179 -24.15 -21.73 -2.02
N GLU A 180 -25.07 -21.64 -1.07
CA GLU A 180 -26.38 -21.02 -1.27
C GLU A 180 -26.26 -19.52 -1.21
N ILE A 181 -25.18 -19.07 -0.58
CA ILE A 181 -24.99 -17.67 -0.25
C ILE A 181 -23.92 -17.02 -1.13
N PRO A 182 -24.35 -16.14 -2.03
CA PRO A 182 -23.39 -15.40 -2.88
C PRO A 182 -22.62 -14.35 -2.06
N PHE A 183 -21.32 -14.59 -1.87
CA PHE A 183 -20.49 -13.79 -0.97
C PHE A 183 -19.14 -13.38 -1.60
N TYR A 184 -19.10 -12.17 -2.17
CA TYR A 184 -17.87 -11.62 -2.77
C TYR A 184 -17.23 -12.56 -3.78
N GLY A 185 -18.02 -13.03 -4.74
CA GLY A 185 -17.52 -13.91 -5.78
C GLY A 185 -17.38 -15.35 -5.32
N LYS A 186 -17.71 -15.59 -4.07
CA LYS A 186 -17.65 -16.95 -3.57
C LYS A 186 -18.95 -17.29 -2.85
N ALA A 187 -18.94 -18.40 -2.12
CA ALA A 187 -20.17 -18.95 -1.57
C ALA A 187 -20.07 -19.49 -0.15
N ILE A 188 -21.03 -19.08 0.67
CA ILE A 188 -21.22 -19.62 2.02
C ILE A 188 -22.27 -20.74 2.03
N PRO A 189 -21.83 -21.99 2.22
CA PRO A 189 -22.81 -23.08 2.36
C PRO A 189 -23.61 -22.90 3.63
N LEU A 190 -24.93 -23.02 3.54
CA LEU A 190 -25.79 -22.76 4.68
C LEU A 190 -25.51 -23.61 5.92
N GLU A 191 -25.06 -24.83 5.66
CA GLU A 191 -24.80 -25.79 6.72
C GLU A 191 -23.79 -25.30 7.76
N VAL A 192 -22.81 -24.49 7.35
CA VAL A 192 -21.76 -24.07 8.29
C VAL A 192 -22.18 -22.90 9.19
N ILE A 193 -23.36 -22.32 8.98
CA ILE A 193 -23.76 -21.19 9.81
C ILE A 193 -25.11 -21.30 10.53
N LYS A 194 -25.71 -22.48 10.56
CA LYS A 194 -26.82 -22.69 11.49
C LYS A 194 -26.89 -24.15 11.91
N GLY A 195 -26.92 -24.40 13.22
CA GLY A 195 -26.93 -23.34 14.21
C GLY A 195 -25.55 -22.89 14.64
N GLY A 196 -25.42 -22.53 15.92
CA GLY A 196 -24.16 -22.00 16.44
C GLY A 196 -24.15 -20.47 16.41
N ARG A 197 -23.02 -19.90 16.81
CA ARG A 197 -22.85 -18.46 16.87
C ARG A 197 -21.80 -18.00 15.83
N HIS A 198 -22.18 -17.06 14.96
CA HIS A 198 -21.35 -16.69 13.80
C HIS A 198 -21.22 -15.20 13.51
N LEU A 199 -20.02 -14.76 13.12
CA LEU A 199 -19.78 -13.37 12.75
C LEU A 199 -19.26 -13.23 11.32
N ILE A 200 -19.86 -12.33 10.55
CA ILE A 200 -19.51 -12.13 9.13
C ILE A 200 -19.14 -10.69 8.80
N PHE A 201 -17.91 -10.49 8.30
CA PHE A 201 -17.44 -9.15 7.96
C PHE A 201 -17.61 -8.79 6.48
N CYS A 202 -18.29 -7.66 6.25
CA CYS A 202 -18.41 -7.08 4.94
C CYS A 202 -17.63 -5.77 4.98
N HIS A 203 -17.60 -5.01 3.89
CA HIS A 203 -16.70 -3.84 3.86
C HIS A 203 -17.45 -2.52 3.90
N SER A 204 -18.72 -2.54 3.49
CA SER A 204 -19.52 -1.32 3.53
C SER A 204 -20.75 -1.55 4.40
N LYS A 205 -21.43 -0.45 4.72
CA LYS A 205 -22.74 -0.48 5.34
C LYS A 205 -23.59 -1.44 4.53
N LYS A 206 -23.60 -1.20 3.23
CA LYS A 206 -24.66 -1.67 2.39
C LYS A 206 -24.66 -3.21 2.46
N LYS A 207 -23.62 -3.86 1.94
CA LYS A 207 -23.72 -5.31 1.80
C LYS A 207 -23.76 -6.06 3.13
N CYS A 208 -23.74 -5.33 4.24
CA CYS A 208 -24.14 -5.92 5.51
C CYS A 208 -25.65 -6.22 5.47
N ASP A 209 -26.38 -5.48 4.63
CA ASP A 209 -27.80 -5.74 4.38
C ASP A 209 -28.05 -6.87 3.38
N GLU A 210 -27.54 -6.75 2.15
CA GLU A 210 -27.73 -7.80 1.12
C GLU A 210 -27.46 -9.14 1.71
N LEU A 211 -26.46 -9.19 2.56
CA LEU A 211 -26.15 -10.43 3.25
C LEU A 211 -27.21 -10.68 4.33
N ALA A 212 -27.60 -9.64 5.08
CA ALA A 212 -28.58 -9.79 6.16
C ALA A 212 -29.99 -10.14 5.64
N ALA A 213 -30.52 -9.34 4.72
CA ALA A 213 -31.82 -9.57 4.12
C ALA A 213 -31.87 -10.94 3.45
N LYS A 214 -31.10 -11.13 2.40
CA LYS A 214 -30.98 -12.46 1.79
C LYS A 214 -30.57 -13.57 2.80
N LEU A 215 -30.73 -13.34 4.10
CA LEU A 215 -30.42 -14.32 5.14
C LEU A 215 -31.61 -14.63 6.05
N VAL A 216 -32.84 -14.21 5.76
CA VAL A 216 -33.87 -14.97 6.48
C VAL A 216 -34.90 -15.45 5.47
N ALA A 217 -34.52 -15.36 4.20
CA ALA A 217 -34.92 -16.41 3.27
C ALA A 217 -34.08 -17.64 3.67
N LEU A 218 -34.10 -18.00 4.96
CA LEU A 218 -33.03 -18.79 5.59
C LEU A 218 -33.41 -19.52 6.89
N GLY A 219 -33.73 -18.71 7.89
CA GLY A 219 -33.88 -19.15 9.27
C GLY A 219 -33.37 -18.11 10.27
N ILE A 220 -32.48 -17.22 9.82
CA ILE A 220 -31.66 -16.24 10.60
C ILE A 220 -31.25 -16.42 12.11
N ASN A 221 -31.91 -15.74 13.04
CA ASN A 221 -31.28 -14.84 14.00
C ASN A 221 -29.97 -14.28 13.41
N ALA A 222 -30.11 -13.21 12.62
CA ALA A 222 -28.98 -12.42 12.12
C ALA A 222 -29.38 -10.95 11.92
N VAL A 223 -28.46 -10.03 12.24
CA VAL A 223 -28.73 -8.59 12.18
C VAL A 223 -27.45 -7.81 11.83
N ALA A 224 -27.60 -6.70 11.11
CA ALA A 224 -26.46 -5.97 10.58
C ALA A 224 -26.10 -4.70 11.35
N TYR A 225 -24.91 -4.69 11.94
CA TYR A 225 -24.35 -3.51 12.61
C TYR A 225 -23.34 -2.83 11.70
N TYR A 226 -23.42 -1.52 11.58
CA TYR A 226 -22.33 -0.79 10.95
C TYR A 226 -21.89 0.33 11.91
N ARG A 227 -22.36 1.56 11.75
CA ARG A 227 -21.92 2.68 12.59
C ARG A 227 -22.99 3.13 13.60
N GLY A 228 -24.20 3.36 13.10
CA GLY A 228 -25.25 4.00 13.88
C GLY A 228 -25.96 3.18 14.94
N LEU A 229 -25.79 1.87 14.90
CA LEU A 229 -26.46 0.99 15.87
C LEU A 229 -25.58 0.93 17.14
N ASP A 230 -25.95 0.13 18.14
CA ASP A 230 -24.96 -0.31 19.11
C ASP A 230 -25.10 -1.83 19.42
N VAL A 231 -26.05 -2.33 20.21
CA VAL A 231 -25.98 -3.79 20.47
C VAL A 231 -27.34 -4.52 20.47
N SER A 232 -27.44 -5.51 19.58
CA SER A 232 -28.67 -6.28 19.34
C SER A 232 -28.36 -7.77 19.34
N VAL A 233 -27.44 -8.20 20.18
CA VAL A 233 -26.74 -9.45 19.86
C VAL A 233 -26.86 -10.56 20.94
N ILE A 234 -28.11 -11.03 21.12
CA ILE A 234 -28.50 -12.41 21.52
C ILE A 234 -27.84 -13.23 22.69
N PRO A 235 -26.77 -12.72 23.33
CA PRO A 235 -25.72 -13.63 23.83
C PRO A 235 -26.21 -14.84 24.63
N ASP A 239 -27.85 -18.94 19.15
CA ASP A 239 -27.93 -19.24 17.73
C ASP A 239 -28.01 -17.96 16.91
N VAL A 240 -26.88 -17.48 16.40
CA VAL A 240 -26.86 -16.19 15.74
C VAL A 240 -25.82 -16.09 14.62
N VAL A 241 -26.06 -15.14 13.71
CA VAL A 241 -25.10 -14.77 12.68
C VAL A 241 -25.02 -13.24 12.57
N VAL A 242 -23.94 -12.63 13.03
CA VAL A 242 -23.86 -11.17 12.92
C VAL A 242 -23.13 -10.74 11.65
N VAL A 243 -23.72 -9.79 10.92
CA VAL A 243 -23.12 -9.31 9.69
C VAL A 243 -22.78 -7.82 9.80
N SER A 244 -21.50 -7.52 10.01
CA SER A 244 -21.07 -6.16 10.32
C SER A 244 -19.75 -5.72 9.68
N THR A 245 -19.55 -4.41 9.64
CA THR A 245 -18.26 -3.85 9.27
C THR A 245 -17.30 -3.95 10.44
N ASP A 246 -16.21 -3.19 10.36
CA ASP A 246 -15.17 -3.22 11.38
C ASP A 246 -15.57 -2.45 12.65
N ALA A 247 -16.71 -1.77 12.62
CA ALA A 247 -17.09 -0.87 13.69
C ALA A 247 -17.47 -1.59 14.99
N LEU A 248 -17.84 -2.86 14.88
CA LEU A 248 -17.98 -3.69 16.08
C LEU A 248 -16.58 -3.95 16.65
N MET A 249 -16.33 -3.45 17.87
CA MET A 249 -15.00 -3.51 18.46
C MET A 249 -14.69 -4.83 19.18
N THR A 250 -13.41 -5.13 19.34
CA THR A 250 -12.95 -6.42 19.83
C THR A 250 -13.10 -6.59 21.35
N THR A 253 -18.81 -7.81 21.05
CA THR A 253 -18.34 -8.88 21.92
C THR A 253 -19.43 -9.94 22.10
N GLY A 254 -19.02 -11.19 22.27
CA GLY A 254 -19.91 -12.21 22.81
C GLY A 254 -20.01 -13.51 22.03
N ASP A 255 -19.00 -14.37 22.17
CA ASP A 255 -19.08 -15.78 21.77
C ASP A 255 -19.37 -16.01 20.28
N PHE A 256 -18.42 -16.60 19.57
CA PHE A 256 -18.66 -17.00 18.19
C PHE A 256 -17.95 -18.31 17.92
N ASP A 257 -18.62 -19.22 17.23
CA ASP A 257 -18.02 -20.52 16.93
C ASP A 257 -17.27 -20.43 15.62
N SER A 258 -17.52 -19.36 14.87
CA SER A 258 -16.87 -19.15 13.58
C SER A 258 -16.85 -17.69 13.15
N VAL A 259 -15.85 -17.34 12.34
CA VAL A 259 -15.82 -16.05 11.66
C VAL A 259 -15.67 -16.29 10.16
N ILE A 260 -16.41 -15.51 9.40
CA ILE A 260 -16.29 -15.53 7.95
C ILE A 260 -16.01 -14.10 7.45
N ASP A 261 -14.93 -13.97 6.67
CA ASP A 261 -14.29 -12.67 6.40
C ASP A 261 -14.25 -12.39 4.88
N CYS A 262 -14.86 -11.30 4.46
CA CYS A 262 -14.72 -10.86 3.06
C CYS A 262 -13.29 -10.44 2.66
N ASN A 263 -12.40 -10.34 3.65
CA ASN A 263 -10.98 -10.00 3.48
C ASN A 263 -10.66 -8.69 2.75
N THR A 264 -11.64 -7.80 2.64
CA THR A 264 -11.37 -6.50 2.06
C THR A 264 -11.80 -5.42 3.04
N CYS A 265 -11.21 -4.24 2.89
N CYS A 265 -11.20 -4.25 2.88
CA CYS A 265 -11.49 -3.11 3.78
CA CYS A 265 -11.46 -3.09 3.75
C CYS A 265 -11.59 -1.83 2.97
C CYS A 265 -11.69 -1.85 2.92
N VAL A 266 -12.25 -0.83 3.56
CA VAL A 266 -12.36 0.48 2.96
C VAL A 266 -11.34 1.39 3.66
N THR A 267 -10.52 2.10 2.90
CA THR A 267 -9.60 3.07 3.50
C THR A 267 -9.65 4.41 2.79
N GLN A 268 -9.25 5.44 3.53
CA GLN A 268 -9.19 6.80 3.01
C GLN A 268 -7.90 6.99 2.24
N THR A 269 -7.98 7.66 1.10
CA THR A 269 -6.79 7.90 0.29
C THR A 269 -6.85 9.31 -0.28
N VAL A 270 -5.70 9.82 -0.68
CA VAL A 270 -5.73 11.08 -1.37
C VAL A 270 -5.38 10.83 -2.82
N ASP A 271 -6.12 11.52 -3.69
CA ASP A 271 -5.86 11.52 -5.11
C ASP A 271 -5.43 12.92 -5.53
N PHE A 272 -4.26 13.04 -6.15
CA PHE A 272 -3.86 14.32 -6.70
C PHE A 272 -4.48 14.47 -8.07
N SER A 273 -5.74 14.87 -8.07
CA SER A 273 -6.59 14.77 -9.25
C SER A 273 -6.53 16.01 -10.13
N LEU A 274 -5.89 17.06 -9.65
CA LEU A 274 -5.62 18.24 -10.46
C LEU A 274 -6.87 18.85 -11.03
N ASP A 275 -7.97 18.75 -10.27
CA ASP A 275 -9.29 19.16 -10.76
C ASP A 275 -10.09 20.00 -9.74
N PRO A 276 -9.48 21.07 -9.21
CA PRO A 276 -8.19 21.68 -9.56
C PRO A 276 -7.00 21.10 -8.79
N THR A 277 -7.21 20.53 -7.62
CA THR A 277 -6.01 20.23 -6.82
C THR A 277 -5.91 18.77 -6.38
N PHE A 278 -6.50 18.44 -5.24
CA PHE A 278 -6.47 17.06 -4.75
C PHE A 278 -7.87 16.67 -4.31
N THR A 279 -8.07 15.38 -4.06
CA THR A 279 -9.36 14.87 -3.60
C THR A 279 -9.15 13.92 -2.43
N ILE A 280 -9.94 14.07 -1.38
CA ILE A 280 -9.95 13.04 -0.37
C ILE A 280 -11.06 12.07 -0.75
N GLU A 281 -10.75 10.78 -0.80
CA GLU A 281 -11.74 9.79 -1.21
C GLU A 281 -11.49 8.48 -0.48
N THR A 282 -12.31 7.48 -0.77
CA THR A 282 -12.13 6.16 -0.18
C THR A 282 -11.83 5.14 -1.28
N THR A 283 -11.29 4.00 -0.85
CA THR A 283 -10.90 2.96 -1.77
C THR A 283 -11.07 1.60 -1.11
N THR A 284 -11.44 0.58 -1.87
CA THR A 284 -11.53 -0.77 -1.35
C THR A 284 -10.24 -1.51 -1.67
N LEU A 285 -9.58 -2.00 -0.65
CA LEU A 285 -8.28 -2.67 -0.77
C LEU A 285 -8.34 -4.03 -0.12
N PRO A 286 -7.44 -4.94 -0.51
CA PRO A 286 -7.21 -6.15 0.29
C PRO A 286 -6.97 -5.77 1.74
N GLN A 287 -7.48 -6.55 2.69
CA GLN A 287 -7.23 -6.26 4.10
C GLN A 287 -5.74 -6.44 4.40
N ASP A 288 -5.24 -5.77 5.42
CA ASP A 288 -3.86 -6.02 5.81
C ASP A 288 -3.89 -6.98 6.99
N ALA A 289 -2.71 -7.31 7.51
CA ALA A 289 -2.60 -8.39 8.49
C ALA A 289 -3.22 -8.04 9.83
N VAL A 290 -3.12 -6.79 10.26
CA VAL A 290 -3.68 -6.42 11.54
C VAL A 290 -5.19 -6.58 11.45
N SER A 291 -5.79 -6.15 10.34
CA SER A 291 -7.20 -6.42 10.05
C SER A 291 -7.59 -7.92 10.06
N ARG A 292 -6.82 -8.76 9.34
CA ARG A 292 -7.17 -10.18 9.25
C ARG A 292 -7.16 -10.84 10.63
N THR A 293 -6.07 -10.66 11.35
CA THR A 293 -5.80 -11.30 12.65
C THR A 293 -6.90 -11.02 13.69
N GLN A 294 -7.39 -9.80 13.56
CA GLN A 294 -8.30 -9.10 14.44
C GLN A 294 -9.75 -9.53 14.21
N ARG A 295 -10.11 -9.62 12.93
CA ARG A 295 -11.39 -10.19 12.51
C ARG A 295 -11.47 -11.69 12.85
N ARG A 296 -10.40 -12.40 12.54
CA ARG A 296 -10.29 -13.80 12.87
C ARG A 296 -10.32 -13.99 14.38
N GLY A 297 -9.78 -13.02 15.11
CA GLY A 297 -9.63 -13.13 16.55
C GLY A 297 -10.94 -13.23 17.32
N ARG A 298 -12.02 -12.75 16.71
CA ARG A 298 -13.32 -12.86 17.35
C ARG A 298 -13.94 -14.26 17.29
N THR A 299 -13.09 -15.28 17.35
CA THR A 299 -13.53 -16.66 17.54
C THR A 299 -12.33 -17.40 18.10
N GLY A 300 -12.55 -18.57 18.67
CA GLY A 300 -11.46 -19.32 19.25
C GLY A 300 -10.99 -18.68 20.56
N ARG A 301 -11.91 -17.96 21.20
CA ARG A 301 -11.64 -17.35 22.50
C ARG A 301 -11.96 -18.33 23.62
N GLY A 302 -11.06 -19.30 23.83
CA GLY A 302 -11.31 -20.41 24.73
C GLY A 302 -11.99 -21.57 24.01
N LYS A 303 -13.19 -21.31 23.52
CA LYS A 303 -13.93 -22.23 22.66
C LYS A 303 -13.34 -22.20 21.25
N PRO A 304 -12.68 -23.30 20.82
CA PRO A 304 -12.15 -23.46 19.46
C PRO A 304 -13.07 -22.92 18.37
N GLY A 305 -12.51 -22.26 17.37
CA GLY A 305 -13.30 -21.61 16.36
C GLY A 305 -12.86 -21.94 14.95
N ILE A 306 -13.74 -21.67 13.98
CA ILE A 306 -13.42 -21.92 12.59
C ILE A 306 -13.38 -20.60 11.82
N TYR A 307 -12.33 -20.40 11.03
CA TYR A 307 -12.24 -19.19 10.20
C TYR A 307 -12.42 -19.51 8.73
N ARG A 308 -13.40 -18.87 8.10
CA ARG A 308 -13.63 -19.03 6.68
C ARG A 308 -13.35 -17.73 5.90
N PHE A 309 -12.53 -17.83 4.86
CA PHE A 309 -12.08 -16.64 4.11
C PHE A 309 -12.40 -16.64 2.63
N VAL A 310 -12.71 -15.47 2.10
CA VAL A 310 -12.82 -15.28 0.67
C VAL A 310 -11.47 -15.38 -0.02
N ALA A 311 -10.43 -14.81 0.59
CA ALA A 311 -9.12 -14.71 -0.05
C ALA A 311 -8.00 -15.15 0.89
N PRO A 312 -7.11 -16.02 0.40
CA PRO A 312 -6.11 -16.57 1.31
C PRO A 312 -5.08 -15.53 1.71
N GLY A 313 -5.04 -14.45 0.94
CA GLY A 313 -3.97 -13.47 1.06
C GLY A 313 -4.33 -12.18 1.76
N GLU A 314 -3.29 -11.49 2.18
CA GLU A 314 -3.44 -10.23 2.88
C GLU A 314 -2.27 -9.31 2.52
N ARG A 315 -2.50 -8.01 2.54
CA ARG A 315 -1.39 -7.06 2.54
C ARG A 315 -0.61 -7.16 3.83
N PRO A 316 0.72 -7.22 3.73
CA PRO A 316 1.48 -7.11 4.98
C PRO A 316 1.22 -5.75 5.63
N SER A 317 1.36 -5.64 6.95
CA SER A 317 1.12 -4.36 7.61
C SER A 317 2.31 -3.39 7.42
N GLY A 318 2.09 -2.09 7.65
CA GLY A 318 3.19 -1.14 7.72
C GLY A 318 3.23 0.01 6.71
N MET A 319 2.15 0.25 6.00
CA MET A 319 2.11 1.44 5.18
C MET A 319 0.85 2.24 5.47
N PHE A 320 0.91 3.55 5.26
CA PHE A 320 -0.30 4.34 5.34
C PHE A 320 -0.29 5.42 4.27
N ASP A 321 -1.43 6.08 4.13
CA ASP A 321 -1.67 6.96 3.02
C ASP A 321 -1.33 8.42 3.36
N SER A 322 -1.00 9.21 2.34
CA SER A 322 -0.61 10.59 2.53
C SER A 322 -1.76 11.40 3.13
N SER A 323 -2.99 10.93 2.94
CA SER A 323 -4.15 11.60 3.48
C SER A 323 -4.13 11.64 5.01
N VAL A 324 -3.50 10.65 5.62
CA VAL A 324 -3.29 10.69 7.06
C VAL A 324 -2.37 11.86 7.47
N LEU A 325 -1.37 12.17 6.65
CA LEU A 325 -0.48 13.32 6.88
C LEU A 325 -1.36 14.56 6.82
N CYS A 326 -2.16 14.69 5.75
CA CYS A 326 -3.10 15.79 5.64
C CYS A 326 -3.91 15.96 6.93
N GLU A 327 -4.40 14.85 7.46
CA GLU A 327 -5.18 14.91 8.68
C GLU A 327 -4.38 15.42 9.91
N CYS A 328 -3.11 15.03 9.99
CA CYS A 328 -2.24 15.50 11.05
C CYS A 328 -2.12 17.03 11.02
N TYR A 329 -1.89 17.58 9.84
CA TYR A 329 -1.75 19.03 9.73
C TYR A 329 -3.07 19.71 10.03
N ASP A 330 -4.14 19.05 9.58
CA ASP A 330 -5.48 19.58 9.79
C ASP A 330 -5.76 19.62 11.28
N ALA A 331 -5.44 18.55 11.99
CA ALA A 331 -5.72 18.54 13.44
C ALA A 331 -4.75 19.49 14.19
N GLY A 332 -3.53 19.59 13.67
CA GLY A 332 -2.55 20.51 14.19
C GLY A 332 -3.07 21.95 14.23
N CYS A 333 -3.73 22.38 13.15
CA CYS A 333 -4.33 23.72 13.09
C CYS A 333 -5.65 23.80 13.88
N ALA A 334 -6.44 22.74 13.84
CA ALA A 334 -7.80 22.77 14.39
C ALA A 334 -7.87 22.54 15.92
N TRP A 335 -7.08 21.59 16.40
CA TRP A 335 -7.15 21.15 17.79
C TRP A 335 -5.97 21.56 18.67
N TYR A 336 -4.77 21.66 18.09
CA TYR A 336 -3.60 21.72 18.95
C TYR A 336 -2.80 23.00 18.79
N GLU A 337 -3.40 23.99 18.13
CA GLU A 337 -2.74 25.27 17.85
C GLU A 337 -1.29 25.12 17.43
N LEU A 338 -1.04 24.18 16.52
CA LEU A 338 0.29 24.02 15.95
C LEU A 338 0.39 24.67 14.59
N MET A 339 1.37 25.57 14.45
CA MET A 339 1.74 26.07 13.15
C MET A 339 2.15 24.85 12.31
N PRO A 340 1.89 24.91 11.00
CA PRO A 340 2.24 23.79 10.13
C PRO A 340 3.73 23.40 10.22
N ALA A 341 4.60 24.38 10.41
CA ALA A 341 6.04 24.11 10.52
C ALA A 341 6.35 23.30 11.78
N GLU A 342 5.58 23.50 12.84
CA GLU A 342 5.72 22.75 14.09
C GLU A 342 5.29 21.30 13.91
N THR A 343 4.12 21.12 13.28
CA THR A 343 3.64 19.78 12.93
C THR A 343 4.69 19.02 12.11
N THR A 344 5.30 19.71 11.15
CA THR A 344 6.32 19.08 10.32
C THR A 344 7.47 18.50 11.14
N VAL A 345 7.90 19.24 12.15
CA VAL A 345 9.04 18.82 12.98
C VAL A 345 8.72 17.49 13.70
N ARG A 346 7.48 17.38 14.17
CA ARG A 346 7.07 16.21 14.89
C ARG A 346 6.93 15.04 13.92
N LEU A 347 6.29 15.26 12.78
CA LEU A 347 6.12 14.22 11.78
C LEU A 347 7.48 13.80 11.19
N ARG A 348 8.40 14.76 11.02
CA ARG A 348 9.73 14.41 10.53
C ARG A 348 10.46 13.44 11.48
N ALA A 349 10.32 13.69 12.78
CA ALA A 349 10.87 12.77 13.78
C ALA A 349 10.27 11.36 13.67
N TYR A 350 8.97 11.28 13.34
CA TYR A 350 8.32 9.97 13.14
C TYR A 350 8.98 9.31 11.93
N MET A 351 9.06 10.05 10.84
CA MET A 351 9.56 9.48 9.61
C MET A 351 11.04 9.15 9.67
N ASN A 352 11.79 9.85 10.52
CA ASN A 352 13.22 9.54 10.66
C ASN A 352 13.49 8.37 11.58
N THR A 353 12.45 7.86 12.23
CA THR A 353 12.61 6.77 13.18
C THR A 353 12.36 5.44 12.50
N PRO A 354 13.34 4.52 12.58
CA PRO A 354 13.23 3.18 11.97
C PRO A 354 12.22 2.28 12.68
N GLY A 355 11.64 1.31 11.96
CA GLY A 355 10.74 0.33 12.53
C GLY A 355 9.31 0.77 12.71
N LEU A 356 8.90 1.83 12.01
CA LEU A 356 7.52 2.34 12.06
C LEU A 356 6.86 2.22 10.69
N PRO A 357 5.52 2.28 10.62
CA PRO A 357 4.80 2.31 9.34
C PRO A 357 5.34 3.42 8.43
N VAL A 358 5.44 3.19 7.12
CA VAL A 358 5.99 4.22 6.24
C VAL A 358 4.89 4.84 5.38
N CYS A 359 5.16 6.04 4.89
N CYS A 359 5.14 6.03 4.88
CA CYS A 359 4.24 6.78 4.03
CA CYS A 359 4.24 6.69 3.95
C CYS A 359 5.04 7.60 3.01
C CYS A 359 5.04 7.55 2.98
N GLN A 360 4.37 8.06 1.95
CA GLN A 360 5.02 8.95 1.00
C GLN A 360 5.48 10.20 1.76
N ASP A 361 6.67 10.70 1.46
CA ASP A 361 7.18 11.88 2.14
C ASP A 361 6.50 13.13 1.59
N HIS A 362 5.32 13.47 2.10
CA HIS A 362 4.60 14.64 1.60
C HIS A 362 4.53 15.76 2.63
N LEU A 363 5.52 15.78 3.52
CA LEU A 363 5.50 16.78 4.58
C LEU A 363 5.56 18.21 4.01
N GLU A 364 6.44 18.45 3.04
CA GLU A 364 6.62 19.81 2.50
C GLU A 364 5.34 20.28 1.89
N PHE A 365 4.78 19.41 1.04
CA PHE A 365 3.52 19.73 0.38
C PHE A 365 2.40 20.12 1.34
N TRP A 366 2.11 19.28 2.34
CA TRP A 366 0.98 19.52 3.24
C TRP A 366 1.23 20.69 4.19
N GLU A 367 2.47 20.83 4.67
CA GLU A 367 2.85 22.04 5.40
C GLU A 367 2.57 23.28 4.55
N GLY A 368 3.05 23.26 3.31
CA GLY A 368 2.82 24.36 2.40
C GLY A 368 1.35 24.69 2.23
N VAL A 369 0.56 23.65 1.95
CA VAL A 369 -0.87 23.83 1.75
C VAL A 369 -1.51 24.54 2.94
N PHE A 370 -1.35 23.97 4.13
CA PHE A 370 -1.99 24.54 5.30
C PHE A 370 -1.42 25.92 5.68
N THR A 371 -0.14 26.17 5.39
CA THR A 371 0.45 27.48 5.73
C THR A 371 -0.25 28.62 4.95
N GLY A 372 -0.74 28.32 3.76
CA GLY A 372 -1.40 29.31 2.95
C GLY A 372 -2.85 29.56 3.35
N LEU A 373 -3.40 28.72 4.23
CA LEU A 373 -4.82 28.80 4.57
C LEU A 373 -5.03 29.74 5.78
N THR A 374 -5.13 31.03 5.51
CA THR A 374 -5.13 32.02 6.59
C THR A 374 -6.48 32.64 6.86
N HIS A 375 -6.62 33.21 8.05
CA HIS A 375 -7.81 33.92 8.47
C HIS A 375 -9.08 33.07 8.36
N ILE A 376 -8.98 31.83 8.79
CA ILE A 376 -10.16 30.98 8.85
C ILE A 376 -11.23 31.61 9.75
N ASP A 377 -12.49 31.44 9.37
CA ASP A 377 -13.58 31.90 10.23
C ASP A 377 -13.59 31.04 11.48
N ALA A 378 -13.31 31.66 12.63
CA ALA A 378 -13.19 30.94 13.90
C ALA A 378 -14.46 30.19 14.30
N HIS A 379 -15.61 30.75 13.95
CA HIS A 379 -16.86 30.15 14.34
C HIS A 379 -17.19 28.94 13.44
N PHE A 380 -16.90 29.04 12.15
CA PHE A 380 -17.06 27.88 11.29
C PHE A 380 -16.18 26.73 11.78
N LEU A 381 -14.97 27.05 12.26
CA LEU A 381 -14.05 26.01 12.72
C LEU A 381 -14.57 25.35 13.99
N SER A 382 -15.11 26.18 14.88
CA SER A 382 -15.75 25.71 16.10
C SER A 382 -16.81 24.66 15.79
N GLN A 383 -17.60 24.93 14.77
CA GLN A 383 -18.71 24.05 14.42
C GLN A 383 -18.28 22.74 13.79
N THR A 384 -17.35 22.80 12.83
CA THR A 384 -16.88 21.58 12.18
C THR A 384 -16.15 20.72 13.19
N LYS A 385 -15.44 21.35 14.12
CA LYS A 385 -14.86 20.60 15.22
C LYS A 385 -15.91 19.87 16.07
N GLN A 386 -16.99 20.56 16.44
CA GLN A 386 -18.00 19.94 17.29
C GLN A 386 -18.80 18.89 16.49
N SER A 387 -18.88 19.10 15.19
CA SER A 387 -19.56 18.17 14.28
C SER A 387 -18.88 16.81 14.23
N GLY A 388 -17.57 16.78 14.46
CA GLY A 388 -16.82 15.55 14.28
C GLY A 388 -16.58 15.20 12.82
N GLU A 389 -16.75 16.17 11.93
CA GLU A 389 -16.29 16.04 10.53
C GLU A 389 -14.83 15.58 10.46
N ASN A 390 -14.46 14.90 9.38
CA ASN A 390 -13.11 14.33 9.25
C ASN A 390 -11.94 15.32 9.15
N PHE A 391 -12.11 16.37 8.37
CA PHE A 391 -11.04 17.36 8.19
C PHE A 391 -11.63 18.71 8.56
N PRO A 392 -11.89 18.92 9.86
CA PRO A 392 -12.64 20.10 10.28
C PRO A 392 -11.98 21.37 9.80
N TYR A 393 -10.65 21.42 9.78
CA TYR A 393 -9.99 22.62 9.31
C TYR A 393 -10.26 22.85 7.82
N LEU A 394 -10.00 21.87 6.97
CA LEU A 394 -10.22 22.03 5.52
C LEU A 394 -11.69 22.36 5.20
N VAL A 395 -12.60 21.74 5.94
CA VAL A 395 -14.02 22.02 5.74
C VAL A 395 -14.38 23.45 6.10
N ALA A 396 -14.05 23.85 7.32
CA ALA A 396 -14.29 25.20 7.77
C ALA A 396 -13.57 26.22 6.89
N TYR A 397 -12.41 25.84 6.35
CA TYR A 397 -11.71 26.82 5.51
C TYR A 397 -12.41 27.01 4.18
N GLN A 398 -12.78 25.92 3.52
CA GLN A 398 -13.56 26.03 2.27
C GLN A 398 -14.84 26.86 2.51
N ALA A 399 -15.49 26.60 3.64
CA ALA A 399 -16.70 27.33 4.00
C ALA A 399 -16.39 28.82 4.24
N THR A 400 -15.18 29.11 4.71
CA THR A 400 -14.74 30.47 4.90
C THR A 400 -14.61 31.18 3.56
N VAL A 401 -14.02 30.55 2.55
CA VAL A 401 -13.80 31.28 1.30
C VAL A 401 -15.14 31.36 0.54
N CYS A 402 -16.03 30.42 0.81
CA CYS A 402 -17.38 30.47 0.21
C CYS A 402 -18.11 31.69 0.75
N ALA A 403 -18.16 31.82 2.07
CA ALA A 403 -18.87 32.91 2.70
C ALA A 403 -18.35 34.27 2.24
N ARG A 404 -17.02 34.40 2.12
CA ARG A 404 -16.43 35.67 1.76
C ARG A 404 -16.62 36.01 0.28
N ALA A 405 -16.81 35.00 -0.55
CA ALA A 405 -17.15 35.23 -1.96
C ALA A 405 -18.67 35.22 -2.18
N GLN A 406 -19.42 35.10 -1.09
CA GLN A 406 -20.87 34.99 -1.14
C GLN A 406 -21.30 33.81 -2.05
N ALA A 407 -20.44 32.80 -2.14
CA ALA A 407 -20.68 31.63 -3.00
C ALA A 407 -21.19 30.44 -2.18
N PRO A 408 -21.89 29.49 -2.83
CA PRO A 408 -22.42 28.38 -2.04
C PRO A 408 -21.37 27.27 -1.83
N PRO A 409 -21.59 26.42 -0.81
CA PRO A 409 -20.71 25.26 -0.61
C PRO A 409 -20.71 24.38 -1.84
N PRO A 410 -19.76 23.43 -1.92
CA PRO A 410 -19.66 22.46 -3.01
C PRO A 410 -20.88 21.53 -3.14
N SER A 411 -21.64 21.40 -2.07
CA SER A 411 -22.85 20.60 -2.06
C SER A 411 -23.61 21.03 -0.83
N TRP A 412 -24.80 20.49 -0.60
CA TRP A 412 -25.45 20.78 0.67
C TRP A 412 -25.51 19.54 1.58
N ASP A 413 -24.47 18.71 1.45
CA ASP A 413 -24.16 17.65 2.41
C ASP A 413 -24.10 18.19 3.84
N GLN A 414 -24.28 17.31 4.83
CA GLN A 414 -24.20 17.69 6.25
C GLN A 414 -22.90 18.40 6.61
N MET A 415 -21.83 18.01 5.92
CA MET A 415 -20.49 18.61 6.05
C MET A 415 -20.49 20.14 6.08
N TRP A 416 -21.39 20.72 5.29
CA TRP A 416 -21.40 22.15 5.05
C TRP A 416 -22.46 22.93 5.84
N LYS A 417 -22.98 22.30 6.90
CA LYS A 417 -24.08 22.89 7.65
C LYS A 417 -23.76 24.20 8.38
N CYS A 418 -22.47 24.54 8.54
CA CYS A 418 -22.12 25.82 9.17
C CYS A 418 -22.55 27.00 8.28
N LEU A 419 -22.73 26.72 6.99
CA LEU A 419 -23.24 27.72 6.05
C LEU A 419 -24.77 27.67 5.93
N ILE A 420 -25.45 27.06 6.88
CA ILE A 420 -26.86 26.74 6.64
C ILE A 420 -27.78 27.98 6.74
N ARG A 421 -27.19 29.15 6.91
CA ARG A 421 -27.90 30.36 6.52
C ARG A 421 -27.45 30.74 5.13
N LEU A 422 -27.94 29.92 4.20
CA LEU A 422 -27.54 29.96 2.82
C LEU A 422 -27.97 31.24 2.13
N LYS A 423 -29.27 31.57 2.24
CA LYS A 423 -29.98 32.48 1.32
C LYS A 423 -29.21 33.66 0.67
N PRO A 424 -28.31 34.34 1.40
CA PRO A 424 -27.52 35.27 0.59
C PRO A 424 -26.39 34.58 -0.20
N THR A 425 -25.63 33.72 0.45
CA THR A 425 -24.47 33.10 -0.18
C THR A 425 -24.83 32.00 -1.16
N LEU A 426 -25.48 32.35 -2.26
CA LEU A 426 -25.71 31.36 -3.31
C LEU A 426 -25.31 31.85 -4.69
N HIS A 427 -24.98 33.12 -4.82
CA HIS A 427 -24.66 33.62 -6.15
C HIS A 427 -23.59 32.73 -6.78
N GLY A 428 -24.04 31.82 -7.63
CA GLY A 428 -23.20 31.19 -8.62
C GLY A 428 -22.24 30.12 -8.14
N PRO A 429 -21.08 30.05 -8.80
CA PRO A 429 -20.08 28.98 -8.68
C PRO A 429 -19.48 28.89 -7.27
N THR A 430 -19.07 27.68 -6.91
CA THR A 430 -18.24 27.46 -5.75
C THR A 430 -16.78 27.67 -6.13
N PRO A 431 -16.06 28.52 -5.38
CA PRO A 431 -14.62 28.62 -5.57
C PRO A 431 -13.93 27.42 -4.90
N LEU A 432 -13.67 26.39 -5.71
CA LEU A 432 -13.30 25.08 -5.20
C LEU A 432 -11.83 24.98 -4.91
N LEU A 433 -11.48 24.68 -3.65
CA LEU A 433 -10.08 24.66 -3.23
C LEU A 433 -9.45 23.28 -3.39
N TYR A 434 -10.32 22.28 -3.24
CA TYR A 434 -9.99 20.87 -3.10
C TYR A 434 -11.32 20.11 -3.02
N ARG A 435 -11.30 18.79 -3.19
CA ARG A 435 -12.54 18.01 -3.16
C ARG A 435 -12.58 17.10 -1.96
N LEU A 436 -13.54 17.34 -1.07
CA LEU A 436 -13.67 16.58 0.19
C LEU A 436 -14.82 15.57 0.11
N GLY A 437 -15.53 15.60 -1.00
CA GLY A 437 -16.68 14.73 -1.22
C GLY A 437 -17.17 14.96 -2.64
N ALA A 438 -18.40 14.57 -2.91
CA ALA A 438 -19.05 14.85 -4.19
C ALA A 438 -19.31 16.35 -4.32
N VAL A 439 -19.06 16.88 -5.51
CA VAL A 439 -19.35 18.27 -5.80
C VAL A 439 -20.56 18.42 -6.70
N GLN A 440 -21.63 18.98 -6.14
CA GLN A 440 -22.88 19.13 -6.87
C GLN A 440 -23.08 20.50 -7.47
N ASN A 441 -22.46 21.54 -6.90
CA ASN A 441 -22.66 22.89 -7.43
C ASN A 441 -21.77 23.12 -8.63
N GLU A 442 -22.06 24.15 -9.41
CA GLU A 442 -21.11 24.57 -10.44
C GLU A 442 -19.88 25.16 -9.73
N VAL A 443 -18.70 25.09 -10.35
CA VAL A 443 -17.49 25.56 -9.70
C VAL A 443 -16.69 26.56 -10.52
N THR A 444 -15.85 27.32 -9.84
CA THR A 444 -14.81 28.11 -10.49
C THR A 444 -13.42 27.71 -9.95
N LEU A 445 -12.40 27.80 -10.79
CA LEU A 445 -11.08 27.25 -10.44
C LEU A 445 -9.99 28.30 -10.29
N THR A 446 -10.37 29.58 -10.19
CA THR A 446 -9.39 30.66 -10.27
C THR A 446 -9.10 31.39 -8.96
N HIS A 447 -9.67 30.91 -7.85
CA HIS A 447 -9.42 31.54 -6.55
C HIS A 447 -7.93 31.49 -6.21
N PRO A 448 -7.39 32.60 -5.68
CA PRO A 448 -5.96 32.62 -5.31
C PRO A 448 -5.54 31.44 -4.43
N ILE A 449 -6.38 31.05 -3.48
CA ILE A 449 -6.05 29.90 -2.64
C ILE A 449 -5.99 28.60 -3.47
N THR A 450 -6.85 28.47 -4.48
CA THR A 450 -6.77 27.31 -5.36
C THR A 450 -5.43 27.30 -6.12
N LYS A 451 -5.11 28.45 -6.73
CA LYS A 451 -3.83 28.66 -7.41
C LYS A 451 -2.62 28.43 -6.51
N TYR A 452 -2.74 28.86 -5.25
CA TYR A 452 -1.69 28.63 -4.26
C TYR A 452 -1.47 27.13 -4.06
N ILE A 453 -2.55 26.39 -3.85
CA ILE A 453 -2.41 24.95 -3.66
C ILE A 453 -1.79 24.31 -4.90
N MET A 454 -2.27 24.71 -6.07
CA MET A 454 -1.70 24.23 -7.34
C MET A 454 -0.21 24.53 -7.44
N THR A 455 0.21 25.70 -6.95
CA THR A 455 1.65 25.98 -6.97
C THR A 455 2.41 25.08 -6.00
N CYS A 456 1.83 24.84 -4.82
CA CYS A 456 2.46 23.92 -3.87
C CYS A 456 2.59 22.51 -4.47
N MET A 457 1.62 22.10 -5.29
CA MET A 457 1.71 20.80 -5.92
C MET A 457 2.92 20.74 -6.85
N SER A 458 3.09 21.76 -7.68
CA SER A 458 4.30 21.85 -8.52
C SER A 458 5.57 21.93 -7.68
N ALA A 459 5.54 22.71 -6.62
CA ALA A 459 6.73 22.92 -5.81
C ALA A 459 7.20 21.66 -5.09
N ASP A 460 6.27 20.88 -4.54
CA ASP A 460 6.64 19.86 -3.56
C ASP A 460 6.31 18.40 -3.93
N LEU A 461 5.57 18.15 -5.02
CA LEU A 461 5.29 16.76 -5.44
C LEU A 461 6.17 16.33 -6.64
N GLU A 462 6.64 15.07 -6.63
CA GLU A 462 7.72 14.58 -7.53
C GLU A 462 7.33 14.18 -8.97
N VAL A 463 8.28 13.51 -9.64
CA VAL A 463 8.33 13.26 -11.09
C VAL A 463 7.58 14.34 -11.90
N ASN B 21 8.55 -21.99 4.18
CA ASN B 21 9.28 -23.18 4.64
C ASN B 21 10.77 -23.13 4.32
N SER B 22 11.62 -23.40 5.32
CA SER B 22 13.07 -23.22 5.21
C SER B 22 13.80 -24.26 4.34
N SER B 23 13.21 -25.43 4.12
CA SER B 23 13.89 -26.54 3.45
C SER B 23 13.04 -27.20 2.34
N PRO B 24 13.69 -27.78 1.30
CA PRO B 24 13.05 -28.32 0.09
C PRO B 24 12.08 -29.46 0.36
N PRO B 25 10.83 -29.30 -0.08
CA PRO B 25 9.72 -30.24 0.16
C PRO B 25 9.99 -31.63 -0.37
N ALA B 26 9.61 -32.64 0.39
CA ALA B 26 9.66 -34.01 -0.12
C ALA B 26 8.55 -34.17 -1.15
N VAL B 27 8.81 -34.96 -2.18
CA VAL B 27 7.80 -35.20 -3.20
C VAL B 27 6.63 -35.96 -2.60
N PRO B 28 5.41 -35.40 -2.72
CA PRO B 28 4.24 -36.06 -2.15
C PRO B 28 3.76 -37.21 -3.02
N GLN B 29 2.80 -37.99 -2.53
CA GLN B 29 2.31 -39.15 -3.25
C GLN B 29 1.18 -38.74 -4.19
N SER B 30 0.42 -37.72 -3.78
CA SER B 30 -0.55 -37.10 -4.66
C SER B 30 -0.10 -35.66 -4.89
N PHE B 31 -0.74 -34.95 -5.82
CA PHE B 31 -0.27 -33.63 -6.23
C PHE B 31 -0.41 -32.61 -5.10
N GLN B 32 0.65 -31.84 -4.86
CA GLN B 32 0.57 -30.72 -3.92
C GLN B 32 1.36 -29.48 -4.38
N VAL B 33 0.99 -28.33 -3.83
CA VAL B 33 1.75 -27.11 -4.03
C VAL B 33 2.45 -26.74 -2.74
N ALA B 34 3.78 -26.69 -2.79
CA ALA B 34 4.55 -26.31 -1.62
C ALA B 34 5.24 -24.95 -1.80
N HIS B 35 5.68 -24.37 -0.68
CA HIS B 35 6.49 -23.16 -0.69
C HIS B 35 7.89 -23.46 -0.18
N LEU B 36 8.87 -22.87 -0.83
CA LEU B 36 10.25 -22.94 -0.33
C LEU B 36 10.75 -21.53 -0.08
N HIS B 37 10.78 -21.12 1.19
CA HIS B 37 11.32 -19.81 1.55
C HIS B 37 12.81 -19.95 1.77
N ALA B 38 13.55 -19.76 0.68
CA ALA B 38 14.99 -19.93 0.68
C ALA B 38 15.69 -18.79 1.41
N PRO B 39 16.99 -18.95 1.67
CA PRO B 39 17.84 -17.78 1.95
C PRO B 39 18.30 -17.18 0.62
N THR B 40 19.03 -16.07 0.67
CA THR B 40 19.47 -15.40 -0.55
C THR B 40 20.42 -16.27 -1.39
N THR B 46 19.31 -23.80 -7.50
CA THR B 46 20.32 -24.53 -8.28
C THR B 46 20.69 -25.85 -7.61
N LYS B 47 20.77 -25.84 -6.29
CA LYS B 47 21.05 -27.05 -5.55
C LYS B 47 19.76 -27.81 -5.31
N VAL B 48 18.68 -27.07 -5.06
CA VAL B 48 17.40 -27.71 -4.80
C VAL B 48 16.86 -28.47 -6.04
N PRO B 49 17.08 -27.95 -7.28
CA PRO B 49 16.61 -28.80 -8.39
C PRO B 49 17.43 -30.07 -8.52
N ALA B 50 18.75 -29.96 -8.42
CA ALA B 50 19.68 -31.10 -8.45
C ALA B 50 19.22 -32.26 -7.57
N ALA B 51 18.80 -31.95 -6.34
CA ALA B 51 18.29 -32.95 -5.43
C ALA B 51 17.16 -33.78 -6.03
N TYR B 52 16.08 -33.12 -6.49
CA TYR B 52 14.94 -33.85 -7.05
C TYR B 52 15.35 -34.70 -8.25
N ALA B 53 16.37 -34.24 -8.97
CA ALA B 53 16.83 -34.90 -10.18
C ALA B 53 17.62 -36.16 -9.84
N ALA B 54 18.25 -36.14 -8.67
CA ALA B 54 18.97 -37.29 -8.16
C ALA B 54 17.99 -38.42 -7.89
N GLN B 55 16.81 -38.06 -7.40
CA GLN B 55 15.76 -39.02 -7.10
C GLN B 55 15.00 -39.47 -8.34
N GLY B 56 15.56 -39.16 -9.52
CA GLY B 56 15.01 -39.64 -10.78
C GLY B 56 13.83 -38.86 -11.32
N TYR B 57 13.64 -37.64 -10.84
CA TYR B 57 12.51 -36.80 -11.26
C TYR B 57 12.87 -35.82 -12.37
N LYS B 58 11.97 -35.65 -13.33
CA LYS B 58 12.13 -34.61 -14.34
C LYS B 58 11.69 -33.26 -13.76
N VAL B 59 12.60 -32.29 -13.80
CA VAL B 59 12.36 -30.99 -13.16
C VAL B 59 12.32 -29.85 -14.16
N LEU B 60 11.29 -29.02 -14.05
CA LEU B 60 11.25 -27.75 -14.75
C LEU B 60 11.43 -26.61 -13.75
N VAL B 61 12.40 -25.74 -14.00
CA VAL B 61 12.63 -24.55 -13.19
C VAL B 61 12.25 -23.34 -14.03
N LEU B 62 11.40 -22.48 -13.50
CA LEU B 62 10.97 -21.27 -14.19
C LEU B 62 11.45 -20.06 -13.41
N ASN B 63 12.10 -19.12 -14.11
CA ASN B 63 12.48 -17.81 -13.58
C ASN B 63 12.05 -16.71 -14.55
N PRO B 64 12.02 -15.44 -14.08
CA PRO B 64 11.78 -14.35 -15.04
C PRO B 64 12.78 -14.42 -16.19
N SER B 65 14.05 -14.61 -15.85
CA SER B 65 15.14 -14.76 -16.82
C SER B 65 16.08 -15.93 -16.47
N VAL B 66 16.78 -16.48 -17.47
CA VAL B 66 17.76 -17.52 -17.21
C VAL B 66 19.19 -17.02 -17.43
N ALA B 67 19.34 -15.70 -17.62
CA ALA B 67 20.68 -15.10 -17.59
C ALA B 67 21.26 -15.24 -16.21
N ALA B 68 22.58 -15.34 -16.12
CA ALA B 68 23.26 -15.47 -14.83
C ALA B 68 22.88 -14.35 -13.86
N THR B 69 22.75 -14.71 -12.59
CA THR B 69 22.36 -13.75 -11.55
C THR B 69 23.35 -12.60 -11.44
N LEU B 70 24.64 -12.91 -11.47
CA LEU B 70 25.69 -11.89 -11.35
C LEU B 70 25.67 -10.89 -12.51
N GLY B 71 25.05 -11.28 -13.62
CA GLY B 71 25.09 -10.48 -14.84
C GLY B 71 26.25 -10.91 -15.73
N PHE B 72 27.02 -11.88 -15.22
CA PHE B 72 28.20 -12.40 -15.86
C PHE B 72 28.22 -13.90 -15.63
N GLY B 73 28.40 -14.68 -16.70
CA GLY B 73 28.40 -16.12 -16.55
C GLY B 73 27.53 -16.80 -17.58
N ALA B 74 27.52 -18.13 -17.57
CA ALA B 74 26.72 -18.89 -18.50
C ALA B 74 25.24 -18.71 -18.21
N TYR B 75 24.41 -19.05 -19.19
CA TYR B 75 22.97 -19.13 -18.98
C TYR B 75 22.64 -20.37 -18.14
N MET B 76 21.55 -20.30 -17.39
CA MET B 76 21.08 -21.42 -16.60
C MET B 76 20.60 -22.56 -17.50
N SER B 77 20.33 -22.25 -18.76
CA SER B 77 19.79 -23.24 -19.69
C SER B 77 20.90 -24.03 -20.39
N LYS B 78 22.14 -23.64 -20.16
CA LYS B 78 23.30 -24.33 -20.74
C LYS B 78 23.29 -25.82 -20.42
N ALA B 79 23.49 -26.66 -21.45
CA ALA B 79 23.52 -28.11 -21.27
C ALA B 79 24.83 -28.50 -20.60
N HIS B 80 24.85 -29.68 -19.98
CA HIS B 80 25.95 -30.10 -19.09
C HIS B 80 26.09 -29.13 -17.93
N GLY B 81 24.96 -28.68 -17.41
CA GLY B 81 24.94 -27.71 -16.31
C GLY B 81 23.69 -26.84 -16.32
N SER B 97 19.25 -33.67 -19.92
CA SER B 97 19.28 -33.55 -18.47
C SER B 97 17.93 -33.92 -17.89
N PRO B 98 17.90 -34.33 -16.62
CA PRO B 98 16.60 -34.40 -15.95
C PRO B 98 16.17 -33.04 -15.37
N ILE B 99 16.93 -31.96 -15.67
CA ILE B 99 16.54 -30.61 -15.24
C ILE B 99 16.50 -29.56 -16.36
N THR B 100 15.30 -29.04 -16.62
CA THR B 100 15.15 -27.96 -17.61
C THR B 100 14.99 -26.59 -16.94
N TYR B 101 15.76 -25.62 -17.44
CA TYR B 101 15.70 -24.23 -17.00
C TYR B 101 15.09 -23.35 -18.07
N SER B 102 13.91 -22.79 -17.79
CA SER B 102 13.27 -21.87 -18.74
C SER B 102 12.74 -20.60 -18.06
N THR B 103 11.89 -19.86 -18.76
CA THR B 103 11.30 -18.64 -18.19
C THR B 103 9.79 -18.66 -18.27
N TYR B 104 9.16 -17.86 -17.42
CA TYR B 104 7.72 -17.71 -17.45
C TYR B 104 7.27 -17.25 -18.84
N GLY B 105 8.05 -16.35 -19.45
CA GLY B 105 7.74 -15.82 -20.78
C GLY B 105 7.76 -16.92 -21.84
N LYS B 106 8.83 -17.71 -21.86
CA LYS B 106 8.89 -18.84 -22.80
C LYS B 106 7.84 -19.89 -22.48
N PHE B 107 7.65 -20.17 -21.19
CA PHE B 107 6.61 -21.14 -20.78
C PHE B 107 5.25 -20.73 -21.36
N LEU B 108 4.91 -19.44 -21.23
CA LEU B 108 3.63 -18.98 -21.72
C LEU B 108 3.57 -19.07 -23.26
N ALA B 109 4.65 -18.64 -23.91
CA ALA B 109 4.72 -18.69 -25.37
C ALA B 109 4.66 -20.13 -25.90
N ASP B 110 5.21 -21.09 -25.15
CA ASP B 110 5.10 -22.52 -25.53
C ASP B 110 3.69 -23.07 -25.36
N GLY B 111 2.82 -22.30 -24.69
CA GLY B 111 1.46 -22.73 -24.46
C GLY B 111 1.18 -23.42 -23.14
N GLY B 112 2.08 -23.30 -22.16
CA GLY B 112 1.85 -23.91 -20.86
C GLY B 112 2.50 -25.28 -20.73
N CYS B 113 2.01 -26.07 -19.78
CA CYS B 113 2.53 -27.41 -19.52
C CYS B 113 2.23 -28.34 -20.69
N SER B 114 3.20 -29.19 -21.07
CA SER B 114 2.92 -30.30 -21.99
C SER B 114 2.49 -31.54 -21.20
N GLY B 115 1.56 -32.30 -21.77
CA GLY B 115 0.78 -33.32 -21.08
C GLY B 115 1.42 -34.41 -20.23
N GLY B 116 2.74 -34.38 -20.08
CA GLY B 116 3.39 -35.32 -19.18
C GLY B 116 4.89 -35.16 -19.14
N ALA B 117 5.34 -33.93 -19.33
CA ALA B 117 6.77 -33.66 -19.51
C ALA B 117 7.53 -33.61 -18.20
N TYR B 118 6.85 -33.32 -17.08
CA TYR B 118 7.57 -33.07 -15.81
C TYR B 118 6.91 -33.61 -14.55
N ASP B 119 7.75 -34.00 -13.58
CA ASP B 119 7.30 -34.45 -12.26
C ASP B 119 7.22 -33.29 -11.25
N ILE B 120 8.16 -32.37 -11.37
CA ILE B 120 8.31 -31.25 -10.46
C ILE B 120 8.55 -29.96 -11.23
N ILE B 121 7.73 -28.95 -10.95
CA ILE B 121 7.90 -27.64 -11.57
C ILE B 121 8.23 -26.61 -10.52
N ILE B 122 9.39 -25.99 -10.67
CA ILE B 122 9.82 -25.04 -9.68
C ILE B 122 9.57 -23.63 -10.23
N CYS B 123 8.62 -22.93 -9.62
CA CYS B 123 8.43 -21.51 -9.89
C CYS B 123 9.36 -20.69 -8.99
N ASP B 124 10.52 -20.35 -9.51
CA ASP B 124 11.48 -19.58 -8.75
C ASP B 124 11.18 -18.07 -8.83
N GLU B 125 11.74 -17.34 -7.86
CA GLU B 125 11.46 -15.91 -7.68
C GLU B 125 9.97 -15.63 -7.76
N CYS B 126 9.18 -16.44 -7.05
CA CYS B 126 7.72 -16.37 -7.18
C CYS B 126 7.12 -15.13 -6.48
N HIS B 127 7.98 -14.28 -5.95
CA HIS B 127 7.59 -12.93 -5.52
C HIS B 127 7.49 -11.92 -6.68
N SER B 128 7.98 -12.27 -7.86
CA SER B 128 8.00 -11.29 -8.97
C SER B 128 6.58 -10.91 -9.36
N THR B 129 6.30 -9.61 -9.41
CA THR B 129 4.92 -9.19 -9.72
C THR B 129 4.77 -8.53 -11.09
N ASP B 130 5.71 -8.76 -11.99
CA ASP B 130 5.48 -8.39 -13.38
C ASP B 130 4.42 -9.33 -13.99
N ALA B 131 3.70 -8.85 -15.01
CA ALA B 131 2.60 -9.57 -15.66
C ALA B 131 2.91 -11.00 -16.13
N THR B 132 4.07 -11.16 -16.76
CA THR B 132 4.52 -12.44 -17.28
C THR B 132 4.70 -13.48 -16.17
N SER B 133 5.30 -13.06 -15.06
CA SER B 133 5.50 -13.94 -13.94
C SER B 133 4.17 -14.33 -13.35
N ILE B 134 3.29 -13.36 -13.17
CA ILE B 134 2.00 -13.68 -12.57
C ILE B 134 1.17 -14.60 -13.47
N LEU B 135 1.10 -14.29 -14.75
CA LEU B 135 0.33 -15.14 -15.66
C LEU B 135 0.97 -16.54 -15.78
N GLY B 136 2.29 -16.59 -15.79
CA GLY B 136 3.01 -17.85 -15.96
C GLY B 136 2.84 -18.75 -14.74
N ILE B 137 2.90 -18.17 -13.57
CA ILE B 137 2.68 -18.91 -12.33
C ILE B 137 1.25 -19.38 -12.24
N GLY B 138 0.32 -18.46 -12.52
CA GLY B 138 -1.08 -18.83 -12.55
C GLY B 138 -1.32 -20.03 -13.49
N THR B 139 -0.62 -20.03 -14.62
CA THR B 139 -0.78 -21.11 -15.59
C THR B 139 -0.26 -22.43 -15.03
N VAL B 140 0.93 -22.40 -14.41
CA VAL B 140 1.49 -23.61 -13.78
C VAL B 140 0.53 -24.22 -12.78
N LEU B 141 0.05 -23.38 -11.85
CA LEU B 141 -0.90 -23.79 -10.83
C LEU B 141 -2.19 -24.37 -11.41
N ASP B 142 -2.62 -23.86 -12.55
CA ASP B 142 -3.87 -24.31 -13.12
C ASP B 142 -3.68 -25.60 -13.88
N GLN B 143 -2.49 -25.83 -14.41
CA GLN B 143 -2.29 -26.91 -15.37
C GLN B 143 -1.43 -28.07 -14.87
N ALA B 144 -0.58 -27.83 -13.89
CA ALA B 144 0.45 -28.81 -13.53
C ALA B 144 -0.13 -30.19 -13.18
N GLU B 145 -1.19 -30.23 -12.39
CA GLU B 145 -1.74 -31.50 -11.96
C GLU B 145 -2.26 -32.31 -13.13
N THR B 146 -3.04 -31.69 -14.01
CA THR B 146 -3.51 -32.35 -15.23
C THR B 146 -2.37 -32.83 -16.12
N ALA B 147 -1.31 -32.04 -16.23
CA ALA B 147 -0.14 -32.43 -17.01
C ALA B 147 0.70 -33.50 -16.31
N GLY B 148 0.22 -33.99 -15.17
CA GLY B 148 0.85 -35.11 -14.51
C GLY B 148 1.99 -34.83 -13.57
N ALA B 149 2.25 -33.56 -13.26
CA ALA B 149 3.26 -33.22 -12.27
C ALA B 149 2.80 -33.71 -10.89
N ARG B 150 3.74 -33.98 -9.98
CA ARG B 150 3.34 -34.37 -8.62
C ARG B 150 3.56 -33.24 -7.61
N LEU B 151 4.44 -32.32 -7.95
CA LEU B 151 4.81 -31.24 -7.04
C LEU B 151 5.04 -29.90 -7.77
N VAL B 152 4.40 -28.85 -7.27
CA VAL B 152 4.75 -27.48 -7.64
C VAL B 152 5.38 -26.80 -6.44
N VAL B 153 6.60 -26.32 -6.62
CA VAL B 153 7.30 -25.56 -5.60
C VAL B 153 7.28 -24.07 -5.95
N LEU B 154 6.66 -23.26 -5.10
CA LEU B 154 6.71 -21.80 -5.21
C LEU B 154 7.89 -21.29 -4.39
N ALA B 155 9.01 -21.03 -5.05
CA ALA B 155 10.23 -20.65 -4.34
C ALA B 155 10.58 -19.17 -4.42
N THR B 156 11.03 -18.62 -3.29
CA THR B 156 11.49 -17.24 -3.23
C THR B 156 12.32 -16.98 -1.99
N ALA B 157 13.28 -16.07 -2.13
CA ALA B 157 13.99 -15.57 -0.96
C ALA B 157 13.22 -14.44 -0.27
N THR B 158 12.17 -13.95 -0.93
CA THR B 158 11.40 -12.78 -0.44
C THR B 158 9.87 -12.98 -0.42
N PRO B 159 9.36 -13.88 0.44
CA PRO B 159 7.91 -14.07 0.52
C PRO B 159 7.16 -12.80 0.98
N PRO B 160 5.82 -12.81 0.93
CA PRO B 160 5.05 -11.63 1.39
C PRO B 160 5.44 -11.20 2.80
N GLY B 161 5.57 -9.89 3.03
CA GLY B 161 5.91 -9.37 4.32
C GLY B 161 7.39 -9.27 4.61
N SER B 162 8.23 -9.79 3.73
CA SER B 162 9.68 -9.71 3.94
C SER B 162 10.14 -8.26 4.07
N VAL B 163 11.19 -8.06 4.85
CA VAL B 163 11.80 -6.75 5.00
C VAL B 163 13.30 -6.92 4.78
N THR B 164 13.99 -5.84 4.41
CA THR B 164 15.43 -5.92 4.23
C THR B 164 16.12 -6.15 5.56
N VAL B 165 17.13 -7.00 5.53
CA VAL B 165 17.91 -7.33 6.72
C VAL B 165 19.34 -6.83 6.58
N SER B 166 19.99 -6.60 7.71
CA SER B 166 21.36 -6.08 7.72
C SER B 166 22.28 -6.96 6.92
N HIS B 167 23.21 -6.32 6.22
CA HIS B 167 24.24 -7.01 5.45
C HIS B 167 25.55 -6.82 6.17
N PRO B 168 26.26 -7.93 6.47
CA PRO B 168 27.54 -7.91 7.21
C PRO B 168 28.60 -7.02 6.57
N ASN B 169 28.57 -6.91 5.24
CA ASN B 169 29.57 -6.18 4.49
C ASN B 169 29.25 -4.70 4.27
N ILE B 170 28.05 -4.28 4.65
CA ILE B 170 27.61 -2.96 4.24
C ILE B 170 27.15 -2.09 5.41
N GLU B 171 27.93 -1.04 5.65
CA GLU B 171 27.64 -0.05 6.67
C GLU B 171 26.55 0.89 6.15
N GLU B 172 25.52 1.12 6.96
CA GLU B 172 24.42 1.97 6.51
C GLU B 172 24.38 3.27 7.30
N VAL B 173 24.38 4.39 6.58
CA VAL B 173 24.40 5.70 7.24
C VAL B 173 23.29 6.59 6.69
N ALA B 174 22.45 7.11 7.56
CA ALA B 174 21.37 8.02 7.15
C ALA B 174 21.94 9.33 6.63
N LEU B 175 21.36 9.85 5.55
CA LEU B 175 21.67 11.20 5.12
C LEU B 175 21.07 12.18 6.13
N SER B 176 21.79 13.26 6.39
CA SER B 176 21.29 14.37 7.20
C SER B 176 20.86 15.51 6.30
N THR B 177 20.44 16.61 6.90
CA THR B 177 20.13 17.81 6.15
C THR B 177 21.41 18.64 5.87
N THR B 178 22.57 18.13 6.27
CA THR B 178 23.81 18.87 6.07
C THR B 178 24.58 18.39 4.83
N GLY B 179 24.98 19.33 3.99
CA GLY B 179 25.79 19.00 2.82
C GLY B 179 25.40 19.91 1.68
N GLU B 180 26.25 19.96 0.66
CA GLU B 180 26.10 20.95 -0.41
C GLU B 180 25.14 20.52 -1.49
N ILE B 181 24.88 19.23 -1.58
CA ILE B 181 24.04 18.73 -2.65
C ILE B 181 22.68 18.28 -2.13
N PRO B 182 21.64 19.03 -2.48
CA PRO B 182 20.28 18.65 -2.08
C PRO B 182 19.83 17.34 -2.72
N PHE B 183 19.22 16.47 -1.94
CA PHE B 183 18.86 15.12 -2.40
C PHE B 183 17.58 14.63 -1.69
N TYR B 184 16.45 14.81 -2.37
CA TYR B 184 15.16 14.35 -1.86
C TYR B 184 14.91 14.80 -0.41
N GLY B 185 15.16 16.08 -0.12
CA GLY B 185 14.84 16.62 1.18
C GLY B 185 15.97 16.48 2.18
N LYS B 186 16.94 15.63 1.84
CA LYS B 186 18.14 15.55 2.65
C LYS B 186 19.29 16.17 1.86
N ALA B 187 20.54 15.94 2.29
CA ALA B 187 21.67 16.52 1.56
C ALA B 187 22.79 15.50 1.46
N ILE B 188 23.56 15.57 0.36
CA ILE B 188 24.77 14.79 0.23
C ILE B 188 25.99 15.69 0.44
N PRO B 189 26.87 15.35 1.40
CA PRO B 189 28.11 16.10 1.59
C PRO B 189 29.06 15.81 0.44
N LEU B 190 29.74 16.82 -0.09
CA LEU B 190 30.59 16.58 -1.25
C LEU B 190 31.69 15.59 -0.90
N GLU B 191 32.17 15.65 0.33
CA GLU B 191 33.25 14.78 0.80
C GLU B 191 32.99 13.28 0.63
N VAL B 192 31.74 12.81 0.80
CA VAL B 192 31.52 11.37 0.76
C VAL B 192 31.48 10.85 -0.67
N ILE B 193 31.47 11.73 -1.66
CA ILE B 193 31.53 11.27 -3.06
C ILE B 193 32.73 11.84 -3.86
N LYS B 194 33.41 12.85 -3.31
CA LYS B 194 34.67 13.32 -3.92
C LYS B 194 35.73 12.20 -3.87
N GLY B 195 36.13 11.74 -5.05
CA GLY B 195 37.02 10.59 -5.11
C GLY B 195 36.30 9.30 -4.76
N GLY B 196 36.71 8.22 -5.41
CA GLY B 196 36.06 6.94 -5.21
C GLY B 196 35.09 6.72 -6.34
N ARG B 197 34.39 5.59 -6.30
CA ARG B 197 33.34 5.31 -7.25
C ARG B 197 32.02 5.19 -6.51
N HIS B 198 31.00 5.91 -6.95
CA HIS B 198 29.74 5.92 -6.20
C HIS B 198 28.53 5.75 -7.11
N LEU B 199 27.47 5.14 -6.57
CA LEU B 199 26.24 4.95 -7.33
C LEU B 199 25.10 5.66 -6.62
N ILE B 200 24.40 6.48 -7.38
CA ILE B 200 23.28 7.18 -6.80
C ILE B 200 22.02 6.81 -7.53
N PHE B 201 21.05 6.27 -6.79
CA PHE B 201 19.76 5.98 -7.39
C PHE B 201 18.81 7.15 -7.21
N CYS B 202 18.24 7.60 -8.32
CA CYS B 202 17.14 8.55 -8.36
C CYS B 202 15.91 7.87 -8.97
N HIS B 203 14.73 8.41 -8.74
CA HIS B 203 13.51 7.71 -9.16
C HIS B 203 13.17 7.94 -10.63
N SER B 204 13.75 8.99 -11.22
CA SER B 204 13.44 9.36 -12.62
C SER B 204 14.66 9.82 -13.42
N LYS B 205 14.54 9.71 -14.74
CA LYS B 205 15.55 10.18 -15.68
C LYS B 205 15.87 11.66 -15.45
N LYS B 206 14.81 12.45 -15.29
CA LYS B 206 14.97 13.88 -15.13
C LYS B 206 15.83 14.23 -13.90
N LYS B 207 15.55 13.58 -12.77
CA LYS B 207 16.28 13.87 -11.55
C LYS B 207 17.73 13.42 -11.73
N CYS B 208 17.93 12.36 -12.52
CA CYS B 208 19.25 11.84 -12.83
C CYS B 208 20.08 12.85 -13.62
N ASP B 209 19.51 13.34 -14.71
CA ASP B 209 20.12 14.41 -15.50
C ASP B 209 20.39 15.61 -14.61
N GLU B 210 19.38 16.04 -13.85
CA GLU B 210 19.51 17.21 -12.97
C GLU B 210 20.61 17.04 -11.94
N LEU B 211 20.66 15.88 -11.31
CA LEU B 211 21.63 15.66 -10.25
C LEU B 211 23.05 15.61 -10.84
N ALA B 212 23.20 14.86 -11.92
CA ALA B 212 24.47 14.76 -12.62
C ALA B 212 25.06 16.14 -12.93
N ALA B 213 24.20 17.04 -13.45
CA ALA B 213 24.64 18.39 -13.80
C ALA B 213 25.19 19.13 -12.60
N LYS B 214 24.47 19.11 -11.47
CA LYS B 214 24.98 19.81 -10.29
C LYS B 214 26.32 19.25 -9.81
N LEU B 215 26.50 17.94 -9.91
CA LEU B 215 27.76 17.34 -9.48
C LEU B 215 28.91 17.74 -10.41
N VAL B 216 28.63 17.74 -11.71
CA VAL B 216 29.64 18.12 -12.71
C VAL B 216 30.12 19.54 -12.48
N ALA B 217 29.19 20.42 -12.12
CA ALA B 217 29.51 21.81 -11.86
C ALA B 217 30.33 21.99 -10.57
N LEU B 218 30.38 20.95 -9.74
CA LEU B 218 31.17 21.03 -8.50
C LEU B 218 32.48 20.26 -8.61
N GLY B 219 32.77 19.77 -9.81
CA GLY B 219 34.04 19.10 -10.06
C GLY B 219 33.96 17.59 -10.08
N ILE B 220 32.81 17.05 -9.68
CA ILE B 220 32.63 15.60 -9.65
C ILE B 220 32.52 15.03 -11.06
N ASN B 221 33.24 13.95 -11.33
CA ASN B 221 33.00 13.24 -12.58
C ASN B 221 31.71 12.40 -12.51
N ALA B 222 30.59 13.03 -12.84
CA ALA B 222 29.27 12.38 -12.74
C ALA B 222 28.65 11.97 -14.08
N VAL B 223 28.25 10.70 -14.20
CA VAL B 223 27.61 10.19 -15.39
C VAL B 223 26.16 9.79 -15.08
N ALA B 224 25.21 10.27 -15.88
CA ALA B 224 23.83 9.87 -15.67
C ALA B 224 23.52 8.61 -16.45
N TYR B 225 22.77 7.68 -15.86
CA TYR B 225 22.38 6.48 -16.58
C TYR B 225 20.92 6.15 -16.43
N TYR B 226 20.29 5.81 -17.55
CA TYR B 226 18.88 5.42 -17.57
C TYR B 226 18.62 4.66 -18.87
N ARG B 227 17.40 4.16 -19.05
CA ARG B 227 17.12 3.34 -20.22
C ARG B 227 17.21 4.20 -21.47
N GLY B 228 17.81 3.65 -22.52
CA GLY B 228 18.09 4.39 -23.73
C GLY B 228 19.57 4.67 -23.83
N LEU B 229 20.35 4.10 -22.92
CA LEU B 229 21.81 4.26 -22.91
C LEU B 229 22.53 2.94 -22.62
N ASP B 230 23.84 3.06 -22.38
CA ASP B 230 24.75 1.99 -21.95
C ASP B 230 26.17 2.56 -21.79
N VAL B 231 27.20 1.69 -21.70
CA VAL B 231 28.61 2.08 -21.91
C VAL B 231 29.20 3.39 -21.32
N SER B 232 28.41 4.46 -21.19
CA SER B 232 28.94 5.75 -20.73
C SER B 232 29.56 5.69 -19.34
N VAL B 233 29.30 4.60 -18.62
CA VAL B 233 29.85 4.41 -17.30
C VAL B 233 31.32 4.04 -17.41
N ILE B 234 32.17 4.86 -16.81
CA ILE B 234 33.61 4.63 -16.86
C ILE B 234 33.97 3.32 -16.16
N PRO B 235 34.34 2.29 -16.93
CA PRO B 235 34.63 0.97 -16.36
C PRO B 235 36.05 0.90 -15.79
N THR B 236 36.95 1.66 -16.40
CA THR B 236 38.39 1.71 -16.06
C THR B 236 38.66 1.90 -14.57
N ASN B 237 37.57 1.91 -13.79
CA ASN B 237 37.58 2.52 -12.49
C ASN B 237 38.07 3.94 -12.74
N GLY B 238 38.77 4.52 -11.78
CA GLY B 238 38.96 5.96 -11.77
C GLY B 238 37.66 6.54 -11.26
N ASP B 239 37.77 7.61 -10.49
CA ASP B 239 36.61 8.22 -9.86
C ASP B 239 35.43 8.45 -10.82
N VAL B 240 34.24 8.20 -10.28
CA VAL B 240 33.01 8.46 -10.99
C VAL B 240 31.88 8.41 -9.96
N VAL B 241 30.84 9.19 -10.19
CA VAL B 241 29.57 8.85 -9.55
C VAL B 241 28.56 8.68 -10.68
N VAL B 242 27.98 7.50 -10.70
CA VAL B 242 26.88 7.18 -11.59
C VAL B 242 25.58 7.61 -10.92
N VAL B 243 24.78 8.41 -11.61
CA VAL B 243 23.44 8.72 -11.14
C VAL B 243 22.46 7.98 -11.99
N SER B 244 21.80 6.99 -11.39
CA SER B 244 21.01 6.06 -12.18
C SER B 244 19.59 5.84 -11.66
N THR B 245 18.73 5.37 -12.56
CA THR B 245 17.48 4.72 -12.19
C THR B 245 17.75 3.23 -12.01
N ASP B 246 16.71 2.41 -11.99
CA ASP B 246 16.86 0.97 -11.88
C ASP B 246 17.07 0.31 -13.25
N ALA B 247 17.31 1.12 -14.28
CA ALA B 247 17.76 0.60 -15.56
C ALA B 247 19.11 -0.10 -15.43
N LEU B 248 19.94 0.35 -14.47
CA LEU B 248 21.27 -0.22 -14.28
C LEU B 248 21.24 -1.61 -13.64
N MET B 249 22.01 -2.54 -14.21
CA MET B 249 22.11 -3.89 -13.69
C MET B 249 23.53 -4.46 -13.87
N THR B 253 27.36 -4.33 -12.39
CA THR B 253 28.31 -5.09 -13.19
C THR B 253 29.73 -4.69 -12.83
N GLY B 254 30.00 -3.38 -12.82
CA GLY B 254 31.20 -2.85 -12.19
C GLY B 254 30.87 -2.71 -10.72
N ASP B 255 31.81 -2.25 -9.89
CA ASP B 255 31.47 -2.12 -8.47
C ASP B 255 31.83 -0.76 -7.84
N PHE B 256 31.12 -0.44 -6.76
CA PHE B 256 31.09 0.89 -6.15
C PHE B 256 31.46 0.87 -4.67
N ASP B 257 32.11 1.95 -4.22
CA ASP B 257 32.44 2.13 -2.81
C ASP B 257 31.21 2.40 -1.96
N SER B 258 30.25 3.14 -2.52
CA SER B 258 29.03 3.45 -1.80
C SER B 258 27.85 3.49 -2.74
N VAL B 259 26.66 3.36 -2.14
CA VAL B 259 25.40 3.54 -2.84
C VAL B 259 24.62 4.60 -2.10
N ILE B 260 24.07 5.58 -2.81
CA ILE B 260 23.18 6.56 -2.19
C ILE B 260 21.79 6.32 -2.79
N ASP B 261 20.79 6.18 -1.94
CA ASP B 261 19.46 5.73 -2.39
C ASP B 261 18.40 6.78 -2.06
N CYS B 262 17.63 7.19 -3.05
CA CYS B 262 16.51 8.07 -2.77
C CYS B 262 15.38 7.33 -2.04
N ASN B 263 15.39 5.98 -2.13
CA ASN B 263 14.45 5.06 -1.47
C ASN B 263 13.02 5.17 -1.98
N THR B 264 12.83 5.71 -3.17
CA THR B 264 11.51 5.74 -3.78
C THR B 264 11.60 5.16 -5.18
N CYS B 265 10.48 4.67 -5.68
N CYS B 265 10.49 4.61 -5.65
CA CYS B 265 10.45 4.14 -7.05
CA CYS B 265 10.40 4.07 -7.01
C CYS B 265 9.14 4.48 -7.76
C CYS B 265 9.22 4.70 -7.78
N VAL B 266 9.17 4.48 -9.09
CA VAL B 266 8.01 4.81 -9.88
C VAL B 266 7.32 3.49 -10.23
N THR B 267 6.01 3.46 -10.07
CA THR B 267 5.23 2.26 -10.35
C THR B 267 3.99 2.53 -11.19
N GLN B 268 3.58 1.54 -11.96
CA GLN B 268 2.40 1.66 -12.79
C GLN B 268 1.15 1.33 -11.97
N THR B 269 0.15 2.22 -12.04
CA THR B 269 -1.10 2.03 -11.31
C THR B 269 -2.29 2.31 -12.22
N VAL B 270 -3.44 1.74 -11.89
CA VAL B 270 -4.64 2.04 -12.63
C VAL B 270 -5.50 2.95 -11.76
N ASP B 271 -6.04 4.03 -12.31
CA ASP B 271 -7.02 4.78 -11.53
C ASP B 271 -8.39 4.69 -12.18
N PHE B 272 -9.38 4.31 -11.38
CA PHE B 272 -10.74 4.30 -11.85
C PHE B 272 -11.34 5.68 -11.69
N SER B 273 -10.99 6.53 -12.64
CA SER B 273 -11.15 7.98 -12.57
C SER B 273 -12.42 8.51 -13.23
N LEU B 274 -13.09 7.68 -14.02
CA LEU B 274 -14.40 8.00 -14.57
C LEU B 274 -14.34 9.23 -15.46
N ASP B 275 -13.28 9.33 -16.26
CA ASP B 275 -13.13 10.45 -17.16
C ASP B 275 -12.71 10.04 -18.55
N PRO B 276 -13.45 9.11 -19.20
CA PRO B 276 -14.72 8.50 -18.83
C PRO B 276 -14.59 7.20 -18.02
N THR B 277 -13.49 6.47 -18.18
CA THR B 277 -13.41 5.14 -17.59
C THR B 277 -12.27 4.98 -16.59
N PHE B 278 -11.10 4.54 -17.06
CA PHE B 278 -9.98 4.34 -16.15
C PHE B 278 -8.73 4.93 -16.75
N THR B 279 -7.67 4.99 -15.94
CA THR B 279 -6.41 5.56 -16.40
C THR B 279 -5.26 4.68 -15.92
N ILE B 280 -4.37 4.32 -16.83
CA ILE B 280 -3.13 3.68 -16.44
C ILE B 280 -2.12 4.81 -16.27
N GLU B 281 -1.63 4.98 -15.06
CA GLU B 281 -0.68 6.05 -14.76
C GLU B 281 0.43 5.54 -13.86
N THR B 282 1.37 6.43 -13.56
CA THR B 282 2.47 6.08 -12.69
C THR B 282 2.38 6.83 -11.38
N THR B 283 2.67 6.13 -10.29
CA THR B 283 2.83 6.75 -9.00
C THR B 283 4.28 6.63 -8.54
N THR B 284 4.72 7.61 -7.75
CA THR B 284 5.97 7.53 -7.04
C THR B 284 5.66 7.06 -5.63
N LEU B 285 6.23 5.92 -5.24
CA LEU B 285 5.94 5.35 -3.92
C LEU B 285 7.22 5.09 -3.18
N PRO B 286 7.14 4.94 -1.84
CA PRO B 286 8.33 4.41 -1.17
C PRO B 286 8.73 3.02 -1.73
N GLN B 287 10.03 2.74 -1.85
CA GLN B 287 10.49 1.49 -2.43
C GLN B 287 10.12 0.33 -1.52
N ASP B 288 10.15 -0.90 -2.04
CA ASP B 288 9.87 -2.03 -1.17
C ASP B 288 11.15 -2.79 -0.84
N ALA B 289 11.03 -3.87 -0.09
CA ALA B 289 12.20 -4.54 0.44
C ALA B 289 13.09 -5.11 -0.66
N VAL B 290 12.50 -5.62 -1.74
CA VAL B 290 13.34 -6.16 -2.80
C VAL B 290 14.13 -5.03 -3.47
N SER B 291 13.46 -3.92 -3.77
CA SER B 291 14.13 -2.73 -4.32
C SER B 291 15.27 -2.24 -3.44
N ARG B 292 15.00 -2.08 -2.15
CA ARG B 292 16.00 -1.57 -1.23
C ARG B 292 17.19 -2.52 -1.18
N THR B 293 16.91 -3.82 -1.11
CA THR B 293 17.94 -4.86 -1.04
C THR B 293 18.78 -4.88 -2.31
N GLN B 294 18.09 -4.86 -3.45
CA GLN B 294 18.70 -4.80 -4.76
C GLN B 294 19.60 -3.56 -4.94
N ARG B 295 19.13 -2.38 -4.52
CA ARG B 295 19.93 -1.17 -4.70
C ARG B 295 21.14 -1.16 -3.79
N ARG B 296 20.91 -1.45 -2.51
CA ARG B 296 21.99 -1.54 -1.54
C ARG B 296 23.03 -2.58 -1.97
N GLY B 297 22.56 -3.62 -2.65
CA GLY B 297 23.41 -4.72 -3.08
C GLY B 297 24.42 -4.39 -4.17
N ARG B 298 24.35 -3.18 -4.74
CA ARG B 298 25.33 -2.78 -5.75
C ARG B 298 26.67 -2.45 -5.10
N THR B 299 26.68 -2.28 -3.78
CA THR B 299 27.93 -2.06 -3.07
C THR B 299 28.24 -3.22 -2.10
N GLY B 300 29.45 -3.21 -1.54
CA GLY B 300 29.86 -4.21 -0.57
C GLY B 300 30.01 -5.60 -1.16
N ARG B 301 30.32 -5.66 -2.45
CA ARG B 301 30.66 -6.91 -3.11
C ARG B 301 32.17 -7.14 -2.96
N GLY B 302 32.54 -8.02 -2.04
CA GLY B 302 33.94 -8.22 -1.74
C GLY B 302 34.41 -7.27 -0.64
N LYS B 303 34.99 -6.15 -1.04
CA LYS B 303 35.38 -5.12 -0.09
C LYS B 303 34.15 -4.57 0.63
N PRO B 304 34.34 -4.01 1.83
CA PRO B 304 33.25 -3.33 2.54
C PRO B 304 32.69 -2.15 1.74
N GLY B 305 31.44 -1.77 2.06
CA GLY B 305 30.75 -0.74 1.31
C GLY B 305 29.96 0.18 2.22
N ILE B 306 29.45 1.27 1.67
CA ILE B 306 28.60 2.15 2.45
C ILE B 306 27.27 2.35 1.72
N TYR B 307 26.18 2.29 2.47
CA TYR B 307 24.84 2.55 1.92
C TYR B 307 24.28 3.76 2.62
N ARG B 308 24.00 4.82 1.86
CA ARG B 308 23.48 6.04 2.47
C ARG B 308 22.02 6.22 2.04
N PHE B 309 21.14 6.58 2.97
CA PHE B 309 19.71 6.61 2.64
C PHE B 309 18.99 7.87 3.08
N VAL B 310 17.94 8.18 2.34
CA VAL B 310 17.01 9.25 2.68
C VAL B 310 15.99 8.86 3.75
N ALA B 311 15.43 7.65 3.65
CA ALA B 311 14.41 7.16 4.62
C ALA B 311 14.81 5.80 5.20
N PRO B 312 14.61 5.61 6.52
CA PRO B 312 15.00 4.35 7.16
C PRO B 312 14.14 3.16 6.72
N GLY B 313 12.93 3.42 6.25
CA GLY B 313 11.98 2.36 6.00
C GLY B 313 11.68 2.05 4.55
N GLU B 314 10.93 0.97 4.35
CA GLU B 314 10.48 0.51 3.05
C GLU B 314 9.04 0.03 3.16
N ARG B 315 8.38 -0.16 2.02
CA ARG B 315 7.12 -0.90 1.94
C ARG B 315 7.42 -2.37 2.06
N PRO B 316 6.61 -3.10 2.84
CA PRO B 316 6.84 -4.55 2.86
C PRO B 316 6.54 -5.12 1.47
N SER B 317 7.29 -6.13 1.04
CA SER B 317 7.00 -6.73 -0.27
C SER B 317 5.68 -7.49 -0.24
N GLY B 318 5.04 -7.66 -1.39
CA GLY B 318 3.92 -8.59 -1.48
C GLY B 318 2.58 -8.13 -2.00
N MET B 319 2.47 -6.89 -2.49
CA MET B 319 1.24 -6.52 -3.17
C MET B 319 1.58 -6.06 -4.60
N PHE B 320 0.63 -6.19 -5.51
CA PHE B 320 0.77 -5.57 -6.82
C PHE B 320 -0.55 -4.96 -7.22
N ASP B 321 -0.53 -4.19 -8.30
CA ASP B 321 -1.64 -3.33 -8.66
C ASP B 321 -2.59 -4.01 -9.64
N SER B 322 -3.82 -3.53 -9.68
CA SER B 322 -4.81 -4.08 -10.58
C SER B 322 -4.41 -3.87 -12.04
N SER B 323 -3.60 -2.87 -12.31
CA SER B 323 -3.11 -2.65 -13.68
C SER B 323 -2.31 -3.85 -14.24
N VAL B 324 -1.65 -4.60 -13.36
CA VAL B 324 -0.96 -5.82 -13.78
C VAL B 324 -1.94 -6.90 -14.27
N LEU B 325 -3.11 -6.94 -13.67
CA LEU B 325 -4.17 -7.83 -14.12
C LEU B 325 -4.57 -7.41 -15.52
N CYS B 326 -4.81 -6.12 -15.69
CA CYS B 326 -5.09 -5.58 -17.01
C CYS B 326 -4.03 -6.01 -18.04
N GLU B 327 -2.75 -5.86 -17.69
CA GLU B 327 -1.66 -6.32 -18.53
C GLU B 327 -1.76 -7.78 -18.93
N CYS B 328 -2.09 -8.62 -17.96
CA CYS B 328 -2.27 -10.05 -18.23
C CYS B 328 -3.35 -10.33 -19.28
N TYR B 329 -4.53 -9.73 -19.14
CA TYR B 329 -5.59 -9.91 -20.16
C TYR B 329 -5.10 -9.36 -21.50
N ASP B 330 -4.44 -8.20 -21.46
CA ASP B 330 -3.91 -7.60 -22.68
C ASP B 330 -2.97 -8.56 -23.39
N ALA B 331 -2.08 -9.14 -22.61
CA ALA B 331 -1.07 -10.04 -23.16
C ALA B 331 -1.69 -11.36 -23.60
N GLY B 332 -2.69 -11.81 -22.87
CA GLY B 332 -3.43 -13.00 -23.26
C GLY B 332 -4.08 -12.82 -24.62
N CYS B 333 -4.66 -11.64 -24.85
CA CYS B 333 -5.28 -11.37 -26.16
C CYS B 333 -4.24 -11.07 -27.26
N ALA B 334 -3.19 -10.34 -26.92
CA ALA B 334 -2.22 -9.91 -27.96
C ALA B 334 -1.19 -10.98 -28.34
N TRP B 335 -0.72 -11.72 -27.36
CA TRP B 335 0.41 -12.63 -27.57
C TRP B 335 0.11 -14.12 -27.49
N TYR B 336 -0.80 -14.52 -26.60
CA TYR B 336 -0.87 -15.95 -26.24
C TYR B 336 -2.14 -16.61 -26.73
N GLU B 337 -2.90 -15.91 -27.55
CA GLU B 337 -4.14 -16.46 -28.09
C GLU B 337 -5.00 -16.98 -26.96
N LEU B 338 -5.12 -16.20 -25.90
CA LEU B 338 -5.97 -16.58 -24.78
C LEU B 338 -7.27 -15.80 -24.81
N MET B 339 -8.40 -16.50 -24.86
CA MET B 339 -9.68 -15.86 -24.59
C MET B 339 -9.62 -15.32 -23.15
N PRO B 340 -10.27 -14.19 -22.89
CA PRO B 340 -10.31 -13.59 -21.55
C PRO B 340 -10.65 -14.61 -20.44
N ALA B 341 -11.58 -15.52 -20.72
CA ALA B 341 -11.98 -16.51 -19.74
C ALA B 341 -10.86 -17.51 -19.46
N GLU B 342 -10.01 -17.78 -20.44
CA GLU B 342 -8.90 -18.69 -20.19
C GLU B 342 -7.87 -17.96 -19.34
N THR B 343 -7.78 -16.65 -19.53
CA THR B 343 -6.87 -15.85 -18.71
C THR B 343 -7.38 -15.80 -17.27
N THR B 344 -8.69 -15.59 -17.11
CA THR B 344 -9.33 -15.67 -15.79
C THR B 344 -9.00 -16.96 -15.03
N VAL B 345 -9.17 -18.10 -15.70
CA VAL B 345 -8.89 -19.39 -15.08
C VAL B 345 -7.47 -19.42 -14.51
N ARG B 346 -6.52 -18.93 -15.28
CA ARG B 346 -5.12 -18.95 -14.86
C ARG B 346 -4.85 -17.97 -13.71
N LEU B 347 -5.45 -16.80 -13.78
CA LEU B 347 -5.26 -15.81 -12.75
C LEU B 347 -6.01 -16.24 -11.49
N ARG B 348 -7.16 -16.90 -11.66
CA ARG B 348 -7.93 -17.33 -10.49
C ARG B 348 -7.13 -18.38 -9.71
N ALA B 349 -6.52 -19.31 -10.42
CA ALA B 349 -5.64 -20.30 -9.80
C ALA B 349 -4.57 -19.61 -8.97
N TYR B 350 -4.04 -18.52 -9.52
CA TYR B 350 -3.04 -17.73 -8.82
C TYR B 350 -3.60 -17.21 -7.51
N MET B 351 -4.71 -16.49 -7.58
CA MET B 351 -5.23 -15.83 -6.40
C MET B 351 -5.83 -16.80 -5.37
N ASN B 352 -6.11 -18.03 -5.76
CA ASN B 352 -6.62 -19.01 -4.80
C ASN B 352 -5.48 -19.64 -4.02
N THR B 353 -4.25 -19.29 -4.38
CA THR B 353 -3.08 -19.89 -3.77
C THR B 353 -2.44 -19.02 -2.69
N PRO B 354 -2.36 -19.54 -1.47
CA PRO B 354 -1.80 -18.72 -0.39
C PRO B 354 -0.28 -18.55 -0.46
N GLY B 355 0.21 -17.53 0.25
CA GLY B 355 1.63 -17.21 0.24
C GLY B 355 2.18 -16.52 -1.01
N LEU B 356 1.30 -16.07 -1.90
CA LEU B 356 1.74 -15.32 -3.08
C LEU B 356 1.35 -13.85 -2.93
N PRO B 357 2.01 -12.94 -3.69
CA PRO B 357 1.64 -11.52 -3.70
C PRO B 357 0.17 -11.32 -3.97
N VAL B 358 -0.42 -10.34 -3.30
CA VAL B 358 -1.87 -10.13 -3.33
C VAL B 358 -2.23 -8.90 -4.15
N CYS B 359 -3.41 -8.94 -4.76
N CYS B 359 -3.41 -8.94 -4.75
CA CYS B 359 -3.93 -7.82 -5.52
CA CYS B 359 -3.93 -7.82 -5.49
C CYS B 359 -5.43 -7.78 -5.41
C CYS B 359 -5.44 -7.75 -5.31
N GLN B 360 -6.01 -6.62 -5.70
CA GLN B 360 -7.46 -6.48 -5.73
C GLN B 360 -8.05 -7.50 -6.70
N ASP B 361 -9.18 -8.09 -6.33
CA ASP B 361 -9.85 -9.06 -7.19
C ASP B 361 -10.72 -8.40 -8.27
N HIS B 362 -10.10 -8.11 -9.41
CA HIS B 362 -10.79 -7.42 -10.50
C HIS B 362 -10.89 -8.24 -11.76
N LEU B 363 -10.76 -9.56 -11.60
CA LEU B 363 -10.81 -10.50 -12.73
C LEU B 363 -12.13 -10.40 -13.50
N GLU B 364 -13.25 -10.38 -12.80
CA GLU B 364 -14.54 -10.24 -13.50
C GLU B 364 -14.56 -8.92 -14.26
N PHE B 365 -14.14 -7.84 -13.61
CA PHE B 365 -14.09 -6.56 -14.31
C PHE B 365 -13.25 -6.61 -15.59
N TRP B 366 -11.99 -7.03 -15.45
CA TRP B 366 -11.08 -6.97 -16.61
C TRP B 366 -11.49 -7.97 -17.68
N GLU B 367 -11.95 -9.14 -17.27
CA GLU B 367 -12.43 -10.12 -18.24
C GLU B 367 -13.59 -9.52 -19.05
N GLY B 368 -14.51 -8.83 -18.37
CA GLY B 368 -15.61 -8.18 -19.07
C GLY B 368 -15.16 -7.05 -20.00
N VAL B 369 -14.20 -6.24 -19.56
CA VAL B 369 -13.69 -5.19 -20.44
C VAL B 369 -13.14 -5.73 -21.77
N PHE B 370 -12.20 -6.66 -21.67
CA PHE B 370 -11.60 -7.22 -22.89
C PHE B 370 -12.59 -8.03 -23.74
N THR B 371 -13.58 -8.66 -23.10
CA THR B 371 -14.62 -9.34 -23.86
C THR B 371 -15.36 -8.37 -24.80
N GLY B 372 -15.60 -7.15 -24.35
CA GLY B 372 -16.31 -6.19 -25.17
C GLY B 372 -15.45 -5.58 -26.28
N LEU B 373 -14.13 -5.79 -26.25
CA LEU B 373 -13.25 -5.15 -27.24
C LEU B 373 -13.13 -5.95 -28.53
N THR B 374 -14.17 -5.87 -29.36
CA THR B 374 -14.29 -6.77 -30.49
C THR B 374 -13.91 -6.12 -31.79
N HIS B 375 -13.55 -6.95 -32.76
CA HIS B 375 -13.23 -6.48 -34.11
C HIS B 375 -12.01 -5.57 -34.10
N ILE B 376 -11.02 -5.87 -33.27
CA ILE B 376 -9.80 -5.06 -33.32
C ILE B 376 -9.19 -5.11 -34.74
N ASP B 377 -8.60 -4.01 -35.17
CA ASP B 377 -7.86 -4.01 -36.44
C ASP B 377 -6.57 -4.81 -36.30
N ALA B 378 -6.45 -5.87 -37.07
CA ALA B 378 -5.28 -6.76 -36.95
C ALA B 378 -3.95 -6.06 -37.29
N HIS B 379 -3.98 -5.12 -38.23
CA HIS B 379 -2.76 -4.43 -38.65
C HIS B 379 -2.24 -3.54 -37.54
N PHE B 380 -3.13 -2.79 -36.93
CA PHE B 380 -2.77 -1.96 -35.79
C PHE B 380 -2.18 -2.81 -34.65
N LEU B 381 -2.79 -3.96 -34.38
CA LEU B 381 -2.28 -4.82 -33.30
C LEU B 381 -0.84 -5.30 -33.59
N SER B 382 -0.59 -5.70 -34.83
CA SER B 382 0.78 -6.05 -35.24
C SER B 382 1.76 -4.96 -34.94
N GLN B 383 1.36 -3.74 -35.26
CA GLN B 383 2.20 -2.58 -35.08
C GLN B 383 2.43 -2.27 -33.62
N THR B 384 1.39 -2.31 -32.78
CA THR B 384 1.59 -2.02 -31.36
C THR B 384 2.38 -3.15 -30.66
N LYS B 385 2.20 -4.39 -31.11
CA LYS B 385 2.98 -5.51 -30.62
C LYS B 385 4.46 -5.27 -30.96
N GLN B 386 4.71 -5.03 -32.24
CA GLN B 386 6.04 -4.81 -32.81
C GLN B 386 6.84 -3.71 -32.11
N SER B 387 6.17 -2.65 -31.69
CA SER B 387 6.85 -1.49 -31.13
C SER B 387 7.13 -1.61 -29.64
N GLY B 388 6.62 -2.64 -28.98
CA GLY B 388 6.85 -2.78 -27.55
C GLY B 388 6.08 -1.78 -26.68
N GLU B 389 4.91 -1.36 -27.14
CA GLU B 389 3.94 -0.69 -26.26
C GLU B 389 3.64 -1.58 -25.06
N ASN B 390 3.32 -0.94 -23.94
CA ASN B 390 2.97 -1.64 -22.70
C ASN B 390 1.65 -2.41 -22.71
N PHE B 391 0.67 -1.80 -23.38
CA PHE B 391 -0.65 -2.39 -23.54
C PHE B 391 -0.99 -2.41 -25.01
N PRO B 392 -0.34 -3.31 -25.77
CA PRO B 392 -0.54 -3.31 -27.21
C PRO B 392 -2.01 -3.52 -27.61
N TYR B 393 -2.74 -4.37 -26.91
CA TYR B 393 -4.13 -4.60 -27.27
C TYR B 393 -4.95 -3.33 -27.04
N LEU B 394 -4.85 -2.74 -25.86
CA LEU B 394 -5.56 -1.50 -25.58
C LEU B 394 -5.17 -0.37 -26.56
N VAL B 395 -3.87 -0.15 -26.79
CA VAL B 395 -3.49 0.93 -27.71
C VAL B 395 -4.08 0.68 -29.10
N ALA B 396 -3.88 -0.52 -29.62
CA ALA B 396 -4.39 -0.83 -30.95
C ALA B 396 -5.92 -0.76 -30.99
N TYR B 397 -6.59 -1.06 -29.87
CA TYR B 397 -8.06 -1.04 -29.92
C TYR B 397 -8.56 0.39 -29.94
N GLN B 398 -7.90 1.27 -29.19
CA GLN B 398 -8.25 2.68 -29.27
C GLN B 398 -8.00 3.18 -30.70
N ALA B 399 -6.94 2.68 -31.34
CA ALA B 399 -6.63 3.10 -32.70
C ALA B 399 -7.71 2.64 -33.66
N THR B 400 -8.20 1.43 -33.44
CA THR B 400 -9.23 0.84 -34.28
C THR B 400 -10.48 1.70 -34.27
N VAL B 401 -10.81 2.21 -33.09
CA VAL B 401 -12.04 2.95 -32.90
C VAL B 401 -11.92 4.34 -33.55
N CYS B 402 -10.76 4.96 -33.39
CA CYS B 402 -10.41 6.18 -34.12
C CYS B 402 -10.54 6.05 -35.64
N ALA B 403 -9.84 5.09 -36.23
CA ALA B 403 -9.83 4.91 -37.67
C ALA B 403 -11.20 4.52 -38.25
N ARG B 404 -11.98 3.79 -37.47
CA ARG B 404 -13.25 3.29 -37.95
C ARG B 404 -14.28 4.41 -37.92
N ALA B 405 -13.95 5.45 -37.16
CA ALA B 405 -14.78 6.63 -37.05
C ALA B 405 -14.05 7.82 -37.63
N GLN B 406 -12.97 7.53 -38.34
CA GLN B 406 -12.16 8.53 -39.03
C GLN B 406 -11.83 9.74 -38.16
N ALA B 407 -11.60 9.47 -36.88
CA ALA B 407 -11.25 10.46 -35.87
C ALA B 407 -9.78 10.32 -35.47
N PRO B 408 -9.19 11.38 -34.90
CA PRO B 408 -7.78 11.34 -34.49
C PRO B 408 -7.50 10.70 -33.11
N PRO B 409 -6.24 10.29 -32.87
CA PRO B 409 -5.78 9.70 -31.60
C PRO B 409 -5.86 10.70 -30.46
N PRO B 410 -5.78 10.24 -29.20
CA PRO B 410 -5.79 11.13 -28.03
C PRO B 410 -4.61 12.11 -28.02
N SER B 411 -3.64 11.82 -28.88
CA SER B 411 -2.42 12.61 -29.00
C SER B 411 -1.65 12.10 -30.19
N TRP B 412 -0.45 12.64 -30.39
CA TRP B 412 0.43 12.12 -31.42
C TRP B 412 1.76 11.69 -30.83
N ASP B 413 1.79 11.51 -29.51
CA ASP B 413 2.84 10.73 -28.85
C ASP B 413 3.03 9.42 -29.61
N GLN B 414 4.24 8.87 -29.59
CA GLN B 414 4.59 7.81 -30.53
C GLN B 414 3.85 6.50 -30.27
N MET B 415 3.21 6.42 -29.11
CA MET B 415 2.22 5.37 -28.82
C MET B 415 1.22 5.22 -29.97
N TRP B 416 0.73 6.35 -30.48
CA TRP B 416 -0.31 6.35 -31.50
C TRP B 416 0.24 6.33 -32.93
N LYS B 417 1.48 5.87 -33.05
CA LYS B 417 2.22 5.75 -34.31
C LYS B 417 1.48 5.08 -35.46
N CYS B 418 0.70 4.06 -35.16
CA CYS B 418 0.12 3.25 -36.23
C CYS B 418 -0.92 4.02 -37.01
N LEU B 419 -1.30 5.20 -36.51
CA LEU B 419 -2.37 5.94 -37.15
C LEU B 419 -1.90 7.04 -38.07
N ILE B 420 -0.60 7.17 -38.30
CA ILE B 420 -0.12 8.30 -39.10
C ILE B 420 -0.68 8.20 -40.53
N ARG B 421 -2.00 8.33 -40.58
CA ARG B 421 -2.85 8.60 -41.73
C ARG B 421 -3.55 9.87 -41.30
N LEU B 422 -2.73 10.78 -40.80
CA LEU B 422 -3.14 11.97 -40.07
C LEU B 422 -4.18 12.85 -40.79
N LYS B 423 -4.12 12.89 -42.12
CA LYS B 423 -4.96 13.81 -42.88
C LYS B 423 -6.37 13.28 -43.16
N PRO B 424 -6.51 12.01 -43.61
CA PRO B 424 -7.90 11.52 -43.69
C PRO B 424 -8.56 11.45 -42.33
N THR B 425 -7.71 11.28 -41.31
CA THR B 425 -8.17 11.10 -39.95
C THR B 425 -8.60 12.44 -39.32
N LEU B 426 -7.69 13.41 -39.32
CA LEU B 426 -7.70 14.59 -38.43
C LEU B 426 -9.07 15.07 -37.89
N HIS B 427 -10.16 14.70 -38.56
CA HIS B 427 -11.46 15.27 -38.22
C HIS B 427 -11.99 14.95 -36.83
N GLY B 428 -11.67 15.83 -35.89
CA GLY B 428 -12.51 16.05 -34.73
C GLY B 428 -12.19 15.40 -33.40
N PRO B 429 -13.22 15.27 -32.57
CA PRO B 429 -13.11 14.77 -31.20
C PRO B 429 -12.71 13.30 -31.18
N THR B 430 -11.91 12.92 -30.18
CA THR B 430 -11.46 11.55 -30.05
C THR B 430 -12.48 10.70 -29.30
N PRO B 431 -12.86 9.55 -29.88
CA PRO B 431 -13.74 8.64 -29.15
C PRO B 431 -12.97 7.92 -28.05
N LEU B 432 -12.92 8.56 -26.88
CA LEU B 432 -12.04 8.13 -25.80
C LEU B 432 -12.59 6.96 -24.97
N LEU B 433 -11.88 5.84 -25.02
CA LEU B 433 -12.28 4.59 -24.37
C LEU B 433 -11.79 4.52 -22.95
N TYR B 434 -10.66 5.17 -22.72
CA TYR B 434 -9.85 4.95 -21.52
C TYR B 434 -8.57 5.81 -21.66
N ARG B 435 -7.87 6.11 -20.57
CA ARG B 435 -6.68 6.95 -20.68
C ARG B 435 -5.39 6.18 -20.50
N LEU B 436 -4.57 6.13 -21.55
CA LEU B 436 -3.30 5.42 -21.53
C LEU B 436 -2.10 6.37 -21.40
N GLY B 437 -2.39 7.65 -21.29
CA GLY B 437 -1.37 8.69 -21.29
C GLY B 437 -2.11 10.00 -21.27
N ALA B 438 -1.40 11.10 -21.52
CA ALA B 438 -2.03 12.40 -21.47
C ALA B 438 -2.82 12.61 -22.74
N VAL B 439 -3.94 13.29 -22.64
CA VAL B 439 -4.79 13.53 -23.80
C VAL B 439 -4.71 14.98 -24.22
N GLN B 440 -4.44 15.22 -25.51
CA GLN B 440 -4.31 16.60 -25.98
C GLN B 440 -5.37 16.98 -27.02
N ASN B 441 -6.18 16.01 -27.43
CA ASN B 441 -7.27 16.29 -28.35
C ASN B 441 -8.59 16.51 -27.61
N GLU B 442 -9.55 17.11 -28.30
CA GLU B 442 -10.90 17.17 -27.77
C GLU B 442 -11.47 15.76 -27.84
N VAL B 443 -12.25 15.39 -26.84
CA VAL B 443 -12.77 14.04 -26.80
C VAL B 443 -14.28 14.00 -26.87
N THR B 444 -14.82 12.82 -27.17
CA THR B 444 -16.24 12.55 -27.01
C THR B 444 -16.40 11.27 -26.19
N LEU B 445 -17.30 11.30 -25.22
CA LEU B 445 -17.49 10.20 -24.29
C LEU B 445 -18.68 9.32 -24.68
N THR B 446 -19.02 9.30 -25.96
CA THR B 446 -20.31 8.75 -26.33
C THR B 446 -20.22 7.43 -27.13
N HIS B 447 -19.00 7.00 -27.44
CA HIS B 447 -18.81 5.74 -28.16
C HIS B 447 -19.36 4.57 -27.36
N PRO B 448 -20.03 3.61 -28.03
CA PRO B 448 -20.63 2.48 -27.31
C PRO B 448 -19.61 1.70 -26.46
N ILE B 449 -18.36 1.60 -26.92
CA ILE B 449 -17.36 0.86 -26.14
C ILE B 449 -17.10 1.58 -24.83
N THR B 450 -17.02 2.91 -24.90
CA THR B 450 -16.90 3.72 -23.69
C THR B 450 -18.03 3.41 -22.69
N LYS B 451 -19.27 3.37 -23.18
CA LYS B 451 -20.38 3.07 -22.27
C LYS B 451 -20.34 1.65 -21.73
N TYR B 452 -19.92 0.73 -22.59
CA TYR B 452 -19.72 -0.64 -22.15
C TYR B 452 -18.73 -0.72 -20.97
N ILE B 453 -17.61 -0.02 -21.06
CA ILE B 453 -16.59 -0.15 -20.00
C ILE B 453 -17.10 0.48 -18.72
N MET B 454 -17.78 1.62 -18.85
CA MET B 454 -18.35 2.28 -17.66
C MET B 454 -19.34 1.34 -16.99
N THR B 455 -20.15 0.66 -17.79
CA THR B 455 -21.12 -0.27 -17.25
C THR B 455 -20.41 -1.44 -16.56
N CYS B 456 -19.32 -1.96 -17.15
CA CYS B 456 -18.50 -2.97 -16.46
C CYS B 456 -17.98 -2.46 -15.12
N MET B 457 -17.60 -1.19 -15.09
CA MET B 457 -17.06 -0.58 -13.87
C MET B 457 -18.14 -0.54 -12.79
N SER B 458 -19.34 -0.07 -13.14
CA SER B 458 -20.38 0.06 -12.11
C SER B 458 -20.83 -1.31 -11.61
N ALA B 459 -20.82 -2.31 -12.49
CA ALA B 459 -21.32 -3.64 -12.14
C ALA B 459 -20.29 -4.56 -11.49
N ASP B 460 -19.03 -4.49 -11.92
CA ASP B 460 -18.08 -5.51 -11.52
C ASP B 460 -17.15 -5.05 -10.40
N LEU B 461 -16.93 -3.75 -10.29
CA LEU B 461 -16.09 -3.22 -9.21
C LEU B 461 -16.92 -3.02 -7.96
N GLU B 462 -16.39 -3.45 -6.83
CA GLU B 462 -17.14 -3.50 -5.58
C GLU B 462 -17.45 -2.10 -5.02
N VAL B 463 -18.74 -1.75 -5.04
CA VAL B 463 -19.29 -0.45 -4.62
C VAL B 463 -18.38 0.76 -4.91
#